data_3BNV
#
_entry.id   3BNV
#
_cell.length_a   79.876
_cell.length_b   94.533
_cell.length_c   81.818
_cell.angle_alpha   90.00
_cell.angle_beta   99.32
_cell.angle_gamma   90.00
#
_symmetry.space_group_name_H-M   'P 1 21 1'
#
loop_
_entity.id
_entity.type
_entity.pdbx_description
1 polymer Cj0977
2 water water
#
_entity_poly.entity_id   1
_entity_poly.type   'polypeptide(L)'
_entity_poly.pdbx_seq_one_letter_code
;DNFEEYAQLEEYASAEDISRVRAELLTCPELNTSLAGTIIEIDKNYAKSILITTSE(MSE)VADDQGLIFDAFIFAAANY
VAQASINKEFSVIIGSKCFFYAPLKLGDVLELEAHALFDETSKKRDVKVVGHVKEIK(MSE)FEGTIQVVSTDEHIFKLK
;
_entity_poly.pdbx_strand_id   A,B,C,D,E,F,G,H
#
# COMPACT_ATOMS: atom_id res chain seq x y z
N LEU A 9 -25.04 -18.95 17.73
CA LEU A 9 -25.08 -17.68 18.49
C LEU A 9 -23.68 -17.11 18.90
N GLU A 10 -22.77 -17.02 17.94
CA GLU A 10 -21.56 -16.17 18.11
C GLU A 10 -21.82 -14.62 18.03
N GLU A 11 -22.41 -14.14 19.12
CA GLU A 11 -22.24 -12.80 19.63
C GLU A 11 -21.12 -12.80 20.68
N TYR A 12 -20.23 -13.79 20.63
CA TYR A 12 -19.13 -13.87 21.60
C TYR A 12 -17.77 -13.71 20.95
N ALA A 13 -17.73 -13.80 19.62
CA ALA A 13 -16.49 -13.61 18.87
C ALA A 13 -16.78 -13.32 17.42
N SER A 14 -15.97 -12.44 16.84
CA SER A 14 -16.15 -12.04 15.45
C SER A 14 -15.96 -13.22 14.52
N ALA A 15 -16.54 -13.15 13.32
CA ALA A 15 -16.24 -14.15 12.31
C ALA A 15 -14.73 -14.22 12.05
N GLU A 16 -14.10 -13.05 12.02
CA GLU A 16 -12.65 -12.95 11.86
C GLU A 16 -11.92 -13.79 12.93
N ASP A 17 -12.03 -13.37 14.19
CA ASP A 17 -11.39 -14.09 15.29
C ASP A 17 -11.44 -15.56 15.02
N ILE A 18 -12.62 -16.05 14.63
CA ILE A 18 -12.90 -17.50 14.58
C ILE A 18 -12.19 -18.18 13.41
N SER A 19 -12.22 -17.57 12.22
CA SER A 19 -11.48 -18.10 11.10
C SER A 19 -9.96 -17.96 11.31
N ARG A 20 -9.57 -16.97 12.12
CA ARG A 20 -8.16 -16.76 12.43
C ARG A 20 -7.57 -17.90 13.27
N VAL A 21 -8.29 -18.31 14.32
CA VAL A 21 -7.90 -19.50 15.05
C VAL A 21 -7.90 -20.73 14.17
N ARG A 22 -9.01 -21.00 13.47
CA ARG A 22 -9.08 -22.20 12.62
C ARG A 22 -7.80 -22.35 11.83
N ALA A 23 -7.34 -21.25 11.25
CA ALA A 23 -6.10 -21.24 10.46
C ALA A 23 -4.86 -21.51 11.30
N GLU A 24 -4.95 -21.38 12.62
CA GLU A 24 -3.79 -21.60 13.51
C GLU A 24 -3.85 -22.90 14.31
N LEU A 25 -5.04 -23.46 14.47
CA LEU A 25 -5.20 -24.59 15.37
C LEU A 25 -4.63 -25.87 14.75
N LEU A 26 -3.64 -26.45 15.42
CA LEU A 26 -3.03 -27.70 14.96
C LEU A 26 -3.61 -28.90 15.69
N THR A 27 -4.21 -28.64 16.85
CA THR A 27 -4.69 -29.72 17.72
C THR A 27 -6.11 -30.13 17.42
N CYS A 28 -6.42 -31.41 17.55
CA CYS A 28 -7.79 -31.88 17.38
C CYS A 28 -8.48 -31.35 16.11
N PRO A 29 -7.82 -31.49 14.96
CA PRO A 29 -8.35 -30.86 13.75
C PRO A 29 -9.73 -31.39 13.39
N GLU A 30 -10.06 -32.56 13.90
CA GLU A 30 -11.23 -33.28 13.39
C GLU A 30 -12.34 -33.33 14.41
N LEU A 31 -12.12 -32.67 15.54
CA LEU A 31 -13.04 -32.75 16.66
C LEU A 31 -14.39 -32.15 16.31
N ASN A 32 -15.46 -32.77 16.78
CA ASN A 32 -16.77 -32.19 16.60
C ASN A 32 -17.04 -30.95 17.47
N THR A 33 -16.93 -29.77 16.87
CA THR A 33 -16.97 -28.53 17.62
C THR A 33 -18.35 -28.24 18.18
N SER A 34 -19.35 -29.02 17.77
CA SER A 34 -20.72 -28.86 18.26
C SER A 34 -20.88 -29.50 19.64
N LEU A 35 -19.92 -30.35 20.01
CA LEU A 35 -19.98 -31.09 21.27
C LEU A 35 -18.93 -30.61 22.24
N ALA A 36 -17.82 -30.05 21.72
CA ALA A 36 -16.74 -29.64 22.59
C ALA A 36 -16.55 -28.13 22.61
N GLY A 37 -17.31 -27.40 21.80
CA GLY A 37 -17.17 -25.96 21.77
C GLY A 37 -16.28 -25.49 20.63
N THR A 38 -16.13 -24.18 20.53
CA THR A 38 -15.32 -23.55 19.52
C THR A 38 -14.22 -22.68 20.15
N ILE A 39 -13.02 -22.77 19.60
CA ILE A 39 -11.91 -21.96 20.09
C ILE A 39 -12.04 -20.58 19.47
N ILE A 40 -11.90 -19.56 20.30
CA ILE A 40 -12.39 -18.21 20.00
C ILE A 40 -11.20 -17.23 20.07
N GLU A 41 -10.12 -17.70 20.69
CA GLU A 41 -8.89 -16.94 20.79
C GLU A 41 -7.76 -17.85 21.24
N ILE A 42 -6.57 -17.64 20.67
CA ILE A 42 -5.40 -18.38 21.11
C ILE A 42 -4.16 -17.53 21.05
N ASP A 43 -3.16 -17.93 21.80
CA ASP A 43 -1.91 -17.20 21.92
C ASP A 43 -0.96 -18.18 22.59
N LYS A 44 0.29 -17.75 22.74
CA LYS A 44 1.25 -18.56 23.48
C LYS A 44 0.70 -18.92 24.87
N ASN A 45 0.57 -20.23 25.15
CA ASN A 45 0.19 -20.67 26.49
C ASN A 45 -1.20 -20.26 26.89
N TYR A 46 -2.05 -19.96 25.90
CA TYR A 46 -3.34 -19.37 26.20
C TYR A 46 -4.39 -19.73 25.16
N ALA A 47 -5.61 -19.96 25.62
CA ALA A 47 -6.74 -20.16 24.71
C ALA A 47 -8.08 -19.82 25.37
N LYS A 48 -9.03 -19.37 24.56
CA LYS A 48 -10.37 -19.03 25.04
C LYS A 48 -11.41 -19.76 24.19
N SER A 49 -12.42 -20.35 24.81
CA SER A 49 -13.42 -21.07 24.01
C SER A 49 -14.83 -20.83 24.50
N ILE A 50 -15.81 -21.22 23.70
CA ILE A 50 -17.17 -21.14 24.18
C ILE A 50 -17.93 -22.40 23.83
N LEU A 51 -18.76 -22.84 24.75
CA LEU A 51 -19.59 -24.00 24.54
C LEU A 51 -21.04 -23.56 24.61
N ILE A 52 -21.76 -23.66 23.50
CA ILE A 52 -23.19 -23.43 23.59
C ILE A 52 -23.87 -24.78 23.81
N THR A 53 -24.60 -24.88 24.90
CA THR A 53 -25.22 -26.15 25.27
C THR A 53 -26.35 -26.48 24.30
N THR A 54 -26.48 -27.76 23.95
CA THR A 54 -27.54 -28.16 23.01
C THR A 54 -28.29 -29.36 23.54
N SER A 55 -29.41 -29.68 22.90
CA SER A 55 -30.23 -30.77 23.38
C SER A 55 -29.54 -32.11 23.22
N GLU A 56 -28.41 -32.13 22.52
CA GLU A 56 -27.64 -33.36 22.37
C GLU A 56 -26.81 -33.72 23.58
N VAL A 58 -28.01 -33.21 26.92
CA VAL A 58 -28.83 -33.31 28.11
C VAL A 58 -28.70 -34.67 28.78
N ALA A 59 -28.84 -34.68 30.10
CA ALA A 59 -28.88 -35.91 30.87
C ALA A 59 -30.32 -36.33 31.10
N ASP A 60 -31.22 -35.35 31.10
CA ASP A 60 -32.61 -35.62 31.43
C ASP A 60 -33.59 -34.71 30.66
N ASP A 61 -34.87 -34.83 30.96
CA ASP A 61 -35.85 -34.03 30.25
C ASP A 61 -36.12 -32.72 30.96
N GLN A 62 -35.22 -32.34 31.88
CA GLN A 62 -35.33 -31.07 32.61
C GLN A 62 -34.31 -30.04 32.14
N GLY A 63 -33.50 -30.38 31.15
CA GLY A 63 -32.50 -29.46 30.61
C GLY A 63 -31.16 -29.53 31.30
N LEU A 64 -30.95 -30.54 32.12
CA LEU A 64 -29.70 -30.67 32.83
C LEU A 64 -28.66 -31.23 31.85
N ILE A 65 -27.50 -30.58 31.81
CA ILE A 65 -26.46 -30.90 30.88
C ILE A 65 -25.46 -31.85 31.52
N PHE A 66 -25.22 -32.98 30.88
CA PHE A 66 -24.29 -33.97 31.37
C PHE A 66 -22.95 -33.31 31.60
N ASP A 67 -22.38 -33.51 32.79
CA ASP A 67 -21.16 -32.79 33.17
C ASP A 67 -19.98 -33.06 32.23
N ALA A 68 -19.91 -34.23 31.64
CA ALA A 68 -18.79 -34.57 30.77
C ALA A 68 -18.62 -33.62 29.60
N PHE A 69 -19.69 -32.98 29.17
CA PHE A 69 -19.54 -32.02 28.07
C PHE A 69 -18.79 -30.79 28.51
N ILE A 70 -18.92 -30.46 29.79
CA ILE A 70 -18.15 -29.34 30.28
C ILE A 70 -16.71 -29.78 30.24
N PHE A 71 -16.46 -31.03 30.67
CA PHE A 71 -15.10 -31.54 30.65
C PHE A 71 -14.60 -31.55 29.21
N ALA A 72 -15.40 -32.05 28.28
CA ALA A 72 -14.97 -32.05 26.91
C ALA A 72 -14.52 -30.67 26.50
N ALA A 73 -15.29 -29.65 26.80
CA ALA A 73 -14.91 -28.31 26.39
C ALA A 73 -13.56 -27.93 27.04
N ALA A 74 -13.42 -28.24 28.33
CA ALA A 74 -12.18 -27.92 29.02
C ALA A 74 -10.98 -28.67 28.41
N ASN A 75 -11.23 -29.91 28.05
CA ASN A 75 -10.25 -30.75 27.42
C ASN A 75 -9.79 -30.11 26.10
N TYR A 76 -10.74 -29.62 25.34
CA TYR A 76 -10.43 -29.00 24.06
C TYR A 76 -9.63 -27.70 24.24
N VAL A 77 -10.13 -26.75 25.02
CA VAL A 77 -9.41 -25.49 25.19
C VAL A 77 -8.04 -25.67 25.91
N ALA A 78 -7.90 -26.65 26.79
CA ALA A 78 -6.57 -26.95 27.33
C ALA A 78 -5.60 -27.31 26.23
N GLN A 79 -6.00 -28.21 25.35
CA GLN A 79 -5.10 -28.57 24.26
C GLN A 79 -4.87 -27.40 23.35
N ALA A 80 -5.87 -26.54 23.13
CA ALA A 80 -5.65 -25.40 22.26
C ALA A 80 -4.62 -24.42 22.84
N SER A 81 -4.50 -24.39 24.16
CA SER A 81 -3.56 -23.48 24.81
C SER A 81 -2.12 -23.87 24.55
N ILE A 82 -1.88 -25.13 24.22
CA ILE A 82 -0.55 -25.62 23.87
C ILE A 82 -0.37 -25.66 22.37
N ASN A 83 -1.44 -26.04 21.67
CA ASN A 83 -1.48 -26.02 20.20
C ASN A 83 -0.37 -26.80 19.50
N LYS A 84 -0.15 -28.03 19.92
CA LYS A 84 0.78 -28.91 19.24
C LYS A 84 0.01 -29.86 18.35
N GLU A 85 0.59 -30.23 17.22
CA GLU A 85 -0.12 -31.09 16.29
C GLU A 85 -0.39 -32.46 16.91
N PHE A 86 0.55 -32.98 17.66
CA PHE A 86 0.40 -34.30 18.24
C PHE A 86 0.41 -34.24 19.78
N SER A 87 -0.75 -34.23 20.39
CA SER A 87 -0.83 -34.17 21.83
C SER A 87 -2.02 -34.96 22.33
N VAL A 88 -1.97 -35.32 23.60
CA VAL A 88 -3.07 -35.96 24.25
C VAL A 88 -3.11 -35.45 25.67
N ILE A 89 -4.20 -35.73 26.39
CA ILE A 89 -4.20 -35.44 27.82
C ILE A 89 -4.02 -36.70 28.62
N ILE A 90 -3.29 -36.62 29.74
CA ILE A 90 -2.92 -37.82 30.48
C ILE A 90 -3.43 -37.84 31.87
N GLY A 91 -3.97 -36.72 32.30
CA GLY A 91 -4.50 -36.61 33.66
C GLY A 91 -5.31 -35.36 33.84
N SER A 92 -6.27 -35.38 34.77
CA SER A 92 -7.01 -34.16 35.12
C SER A 92 -7.53 -34.14 36.55
N LYS A 93 -7.74 -32.92 37.04
CA LYS A 93 -8.29 -32.71 38.37
C LYS A 93 -9.31 -31.57 38.25
N CYS A 94 -10.60 -31.90 38.25
CA CYS A 94 -11.65 -30.89 38.03
C CYS A 94 -12.60 -30.69 39.20
N PHE A 95 -13.10 -29.47 39.30
CA PHE A 95 -14.24 -29.13 40.16
C PHE A 95 -15.39 -28.63 39.28
N PHE A 96 -16.57 -29.18 39.52
CA PHE A 96 -17.80 -28.75 38.88
C PHE A 96 -18.67 -28.08 39.91
N TYR A 97 -18.63 -26.77 40.00
CA TYR A 97 -19.32 -26.06 41.09
C TYR A 97 -20.83 -26.06 40.95
N ALA A 98 -21.31 -26.11 39.71
CA ALA A 98 -22.74 -26.10 39.45
C ALA A 98 -22.96 -26.66 38.07
N PRO A 99 -24.06 -27.38 37.87
CA PRO A 99 -24.28 -27.95 36.54
C PRO A 99 -24.83 -26.93 35.60
N LEU A 100 -24.57 -27.10 34.31
CA LEU A 100 -25.15 -26.24 33.28
C LEU A 100 -26.61 -26.58 33.00
N LYS A 101 -27.32 -25.61 32.46
CA LYS A 101 -28.70 -25.74 32.09
C LYS A 101 -28.79 -25.54 30.58
N LEU A 102 -29.62 -26.32 29.89
CA LEU A 102 -29.80 -26.16 28.45
C LEU A 102 -30.15 -24.71 28.14
N GLY A 103 -29.43 -24.13 27.19
CA GLY A 103 -29.57 -22.70 26.88
C GLY A 103 -28.40 -21.87 27.38
N ASP A 104 -27.68 -22.38 28.37
CA ASP A 104 -26.51 -21.68 28.88
C ASP A 104 -25.40 -21.70 27.85
N VAL A 105 -24.61 -20.63 27.79
CA VAL A 105 -23.35 -20.74 27.10
C VAL A 105 -22.18 -20.60 28.08
N LEU A 106 -21.29 -21.57 28.02
CA LEU A 106 -20.14 -21.62 28.88
C LEU A 106 -18.96 -20.92 28.22
N GLU A 107 -18.28 -20.08 28.99
CA GLU A 107 -17.11 -19.37 28.50
C GLU A 107 -15.85 -19.94 29.21
N LEU A 108 -14.94 -20.57 28.46
CA LEU A 108 -13.76 -21.16 29.07
C LEU A 108 -12.47 -20.38 28.75
N GLU A 109 -11.59 -20.27 29.74
CA GLU A 109 -10.25 -19.75 29.51
C GLU A 109 -9.23 -20.75 30.01
N ALA A 110 -8.16 -20.92 29.25
CA ALA A 110 -7.09 -21.87 29.62
C ALA A 110 -5.74 -21.19 29.64
N HIS A 111 -4.96 -21.44 30.68
CA HIS A 111 -3.62 -20.85 30.80
C HIS A 111 -2.66 -21.96 31.15
N ALA A 112 -1.64 -22.14 30.31
CA ALA A 112 -0.65 -23.18 30.49
C ALA A 112 0.47 -22.67 31.35
N LEU A 113 0.87 -23.43 32.36
CA LEU A 113 1.98 -23.03 33.21
C LEU A 113 3.26 -23.06 32.38
N PHE A 114 4.02 -21.98 32.48
CA PHE A 114 5.20 -21.73 31.66
C PHE A 114 6.20 -22.87 31.74
N ASP A 115 6.68 -23.31 30.58
CA ASP A 115 7.56 -24.45 30.50
C ASP A 115 8.01 -24.69 29.06
N GLU A 116 9.07 -24.02 28.65
CA GLU A 116 9.57 -24.21 27.30
C GLU A 116 10.53 -25.40 27.18
N THR A 117 10.60 -26.26 28.18
CA THR A 117 11.46 -27.44 28.07
C THR A 117 10.65 -28.72 27.88
N SER A 118 9.88 -29.07 28.90
CA SER A 118 9.18 -30.33 28.94
C SER A 118 8.03 -30.45 27.93
N LYS A 119 7.80 -31.66 27.42
CA LYS A 119 6.62 -31.97 26.59
C LYS A 119 5.35 -32.19 27.42
N LYS A 120 5.51 -32.33 28.73
CA LYS A 120 4.40 -32.45 29.66
C LYS A 120 4.08 -31.08 30.29
N ARG A 121 2.84 -30.62 30.08
CA ARG A 121 2.39 -29.30 30.48
C ARG A 121 1.15 -29.36 31.36
N ASP A 122 1.09 -28.48 32.36
CA ASP A 122 -0.09 -28.33 33.23
C ASP A 122 -0.90 -27.13 32.76
N VAL A 123 -2.19 -27.30 32.57
CA VAL A 123 -3.04 -26.23 32.07
C VAL A 123 -4.19 -25.94 33.04
N LYS A 124 -4.35 -24.68 33.39
CA LYS A 124 -5.39 -24.28 34.32
C LYS A 124 -6.59 -23.82 33.47
N VAL A 125 -7.74 -24.46 33.66
CA VAL A 125 -8.94 -24.11 32.92
C VAL A 125 -10.04 -23.62 33.86
N VAL A 126 -10.79 -22.61 33.44
CA VAL A 126 -11.81 -22.02 34.27
C VAL A 126 -13.02 -21.81 33.37
N GLY A 127 -14.24 -22.08 33.86
CA GLY A 127 -15.44 -21.90 33.04
C GLY A 127 -16.49 -20.99 33.71
N HIS A 128 -17.10 -20.11 32.93
CA HIS A 128 -18.10 -19.21 33.45
C HIS A 128 -19.40 -19.33 32.66
N VAL A 129 -20.53 -19.16 33.35
CA VAL A 129 -21.76 -18.79 32.66
C VAL A 129 -22.08 -17.40 33.11
N LYS A 130 -22.08 -16.46 32.17
CA LYS A 130 -22.16 -15.03 32.49
C LYS A 130 -21.10 -14.72 33.52
N GLU A 131 -21.47 -14.18 34.69
CA GLU A 131 -20.47 -13.87 35.70
C GLU A 131 -20.20 -14.96 36.76
N ILE A 132 -20.79 -16.12 36.62
CA ILE A 132 -20.65 -17.13 37.64
C ILE A 132 -19.62 -18.19 37.23
N LYS A 133 -18.63 -18.40 38.09
CA LYS A 133 -17.65 -19.45 37.85
C LYS A 133 -18.29 -20.82 38.13
N PHE A 135 -16.90 -23.93 36.71
CA PHE A 135 -15.99 -25.03 36.56
C PHE A 135 -14.55 -24.54 36.70
N GLU A 136 -13.73 -25.38 37.31
CA GLU A 136 -12.33 -25.06 37.52
C GLU A 136 -11.55 -26.39 37.43
N GLY A 137 -10.44 -26.40 36.71
CA GLY A 137 -9.69 -27.62 36.57
C GLY A 137 -8.25 -27.51 36.08
N THR A 138 -7.46 -28.52 36.40
CA THR A 138 -6.12 -28.62 35.88
C THR A 138 -6.03 -29.81 34.96
N ILE A 139 -5.50 -29.60 33.78
CA ILE A 139 -5.39 -30.69 32.81
C ILE A 139 -3.95 -30.87 32.34
N GLN A 140 -3.47 -32.10 32.34
CA GLN A 140 -2.10 -32.36 31.97
C GLN A 140 -2.03 -32.80 30.51
N VAL A 141 -1.38 -31.98 29.67
CA VAL A 141 -1.24 -32.25 28.25
C VAL A 141 0.18 -32.71 27.95
N VAL A 142 0.34 -33.75 27.16
CA VAL A 142 1.67 -34.18 26.71
C VAL A 142 1.69 -34.20 25.19
N SER A 143 2.83 -33.81 24.61
CA SER A 143 2.95 -33.81 23.15
C SER A 143 4.09 -34.68 22.65
N THR A 144 4.00 -35.06 21.39
CA THR A 144 5.09 -35.82 20.83
C THR A 144 5.47 -35.20 19.50
N ASP A 145 6.65 -35.57 18.99
CA ASP A 145 7.11 -35.01 17.72
C ASP A 145 6.42 -35.75 16.58
N GLU A 146 5.97 -36.97 16.87
CA GLU A 146 5.16 -37.74 15.90
C GLU A 146 3.83 -38.22 16.49
N HIS A 147 2.90 -38.62 15.62
CA HIS A 147 1.60 -39.06 16.10
C HIS A 147 1.74 -40.26 17.00
N ILE A 148 1.01 -40.27 18.09
CA ILE A 148 1.19 -41.31 19.11
C ILE A 148 1.09 -42.75 18.62
N PHE A 149 0.23 -43.04 17.64
CA PHE A 149 0.02 -44.42 17.20
C PHE A 149 1.11 -44.91 16.25
N LYS A 150 2.10 -44.04 15.99
CA LYS A 150 3.13 -44.33 15.00
C LYS A 150 4.50 -44.48 15.65
N GLU B 10 -21.90 -55.25 22.14
CA GLU B 10 -23.24 -55.87 22.11
C GLU B 10 -23.06 -57.39 21.99
N GLU B 11 -21.86 -57.81 22.37
CA GLU B 11 -21.49 -59.21 22.58
C GLU B 11 -20.80 -59.20 23.93
N TYR B 12 -20.70 -58.00 24.48
CA TYR B 12 -20.28 -57.80 25.85
C TYR B 12 -21.49 -57.98 26.75
N ALA B 13 -22.68 -57.92 26.15
CA ALA B 13 -23.93 -58.15 26.86
C ALA B 13 -25.04 -58.51 25.88
N SER B 14 -25.89 -59.44 26.28
CA SER B 14 -27.00 -59.93 25.45
C SER B 14 -28.06 -58.84 25.37
N ALA B 15 -28.97 -58.96 24.41
CA ALA B 15 -29.98 -57.90 24.20
C ALA B 15 -30.84 -57.71 25.45
N GLU B 16 -31.32 -58.83 25.99
CA GLU B 16 -32.08 -58.80 27.22
C GLU B 16 -31.09 -58.85 28.37
N ASP B 17 -30.25 -59.89 28.34
CA ASP B 17 -29.30 -60.24 29.39
C ASP B 17 -29.08 -59.10 30.34
N ILE B 18 -29.95 -59.00 31.34
CA ILE B 18 -29.90 -57.90 32.28
C ILE B 18 -29.44 -56.59 31.61
N SER B 19 -29.33 -56.58 30.28
CA SER B 19 -29.27 -55.32 29.55
C SER B 19 -30.58 -54.59 29.76
N ARG B 20 -31.63 -55.35 30.05
CA ARG B 20 -32.83 -54.79 30.64
C ARG B 20 -32.49 -54.33 32.06
N VAL B 21 -31.51 -53.42 32.07
CA VAL B 21 -31.06 -52.65 33.19
C VAL B 21 -31.77 -51.31 33.10
N ARG B 22 -32.14 -50.94 31.88
CA ARG B 22 -32.92 -49.73 31.66
C ARG B 22 -34.20 -49.74 32.49
N ALA B 23 -34.74 -50.92 32.76
CA ALA B 23 -35.87 -51.04 33.65
C ALA B 23 -35.53 -50.54 35.05
N GLU B 24 -34.28 -50.71 35.46
CA GLU B 24 -33.87 -50.32 36.80
C GLU B 24 -33.12 -48.99 36.84
N LEU B 25 -32.65 -48.52 35.69
CA LEU B 25 -31.85 -47.30 35.63
C LEU B 25 -32.59 -45.99 35.97
N LEU B 26 -32.20 -45.33 37.06
CA LEU B 26 -32.80 -44.04 37.42
C LEU B 26 -32.04 -42.84 36.85
N THR B 27 -30.71 -42.85 36.99
CA THR B 27 -29.89 -41.70 36.62
C THR B 27 -29.74 -41.49 35.11
N CYS B 28 -29.58 -40.22 34.69
CA CYS B 28 -29.36 -39.82 33.29
C CYS B 28 -30.28 -40.44 32.27
N PRO B 29 -31.58 -40.36 32.50
CA PRO B 29 -32.48 -41.13 31.64
C PRO B 29 -32.39 -40.74 30.17
N GLU B 30 -31.90 -39.54 29.91
CA GLU B 30 -32.04 -38.99 28.57
C GLU B 30 -30.68 -38.95 27.85
N LEU B 31 -29.63 -39.40 28.52
CA LEU B 31 -28.29 -39.27 28.00
C LEU B 31 -28.12 -40.04 26.69
N ASN B 32 -27.40 -39.44 25.77
CA ASN B 32 -27.04 -40.13 24.53
C ASN B 32 -26.06 -41.27 24.74
N THR B 33 -26.61 -42.47 24.75
CA THR B 33 -25.90 -43.70 25.00
C THR B 33 -24.83 -44.01 23.97
N SER B 34 -24.91 -43.36 22.80
CA SER B 34 -23.96 -43.61 21.72
C SER B 34 -22.70 -42.80 21.94
N LEU B 35 -22.74 -41.84 22.85
CA LEU B 35 -21.57 -41.02 23.13
C LEU B 35 -20.99 -41.30 24.51
N ALA B 36 -21.80 -41.84 25.41
CA ALA B 36 -21.36 -42.09 26.77
C ALA B 36 -21.28 -43.58 27.12
N GLY B 37 -21.71 -44.43 26.19
CA GLY B 37 -21.69 -45.85 26.43
C GLY B 37 -23.01 -46.35 26.98
N THR B 38 -23.05 -47.65 27.26
CA THR B 38 -24.26 -48.29 27.71
C THR B 38 -23.95 -49.06 29.00
N ILE B 39 -24.80 -48.90 29.99
CA ILE B 39 -24.64 -49.62 31.23
C ILE B 39 -25.08 -51.02 31.01
N ILE B 40 -24.26 -51.99 31.44
CA ILE B 40 -24.55 -53.39 31.18
C ILE B 40 -24.75 -54.21 32.45
N GLU B 41 -24.48 -53.62 33.60
CA GLU B 41 -24.69 -54.32 34.85
C GLU B 41 -24.72 -53.29 35.96
N ILE B 42 -25.66 -53.45 36.89
CA ILE B 42 -25.75 -52.58 38.07
C ILE B 42 -26.13 -53.38 39.30
N ASP B 43 -25.79 -52.83 40.44
CA ASP B 43 -26.04 -53.44 41.74
C ASP B 43 -25.76 -52.34 42.76
N LYS B 44 -26.04 -52.60 44.03
CA LYS B 44 -25.67 -51.65 45.08
C LYS B 44 -24.23 -51.20 44.92
N ASN B 45 -24.02 -49.89 44.84
CA ASN B 45 -22.67 -49.33 44.81
C ASN B 45 -21.77 -49.86 43.70
N TYR B 46 -22.38 -50.34 42.62
CA TYR B 46 -21.62 -50.97 41.54
C TYR B 46 -22.30 -50.81 40.20
N ALA B 47 -21.49 -50.57 39.17
CA ALA B 47 -21.99 -50.53 37.81
C ALA B 47 -20.89 -50.90 36.82
N LYS B 48 -21.30 -51.48 35.68
CA LYS B 48 -20.38 -51.87 34.62
C LYS B 48 -20.93 -51.34 33.29
N SER B 49 -20.06 -50.74 32.47
CA SER B 49 -20.52 -50.23 31.19
C SER B 49 -19.53 -50.48 30.05
N ILE B 50 -19.98 -50.28 28.82
CA ILE B 50 -19.11 -50.44 27.67
C ILE B 50 -19.25 -49.24 26.77
N LEU B 51 -18.13 -48.79 26.25
CA LEU B 51 -18.12 -47.70 25.31
C LEU B 51 -17.56 -48.22 24.01
N ILE B 52 -18.39 -48.26 22.98
CA ILE B 52 -17.88 -48.58 21.65
C ILE B 52 -17.49 -47.29 20.95
N THR B 53 -16.22 -47.15 20.60
CA THR B 53 -15.77 -45.91 20.02
C THR B 53 -16.34 -45.73 18.62
N THR B 54 -16.73 -44.51 18.28
CA THR B 54 -17.24 -44.25 16.92
C THR B 54 -16.57 -43.06 16.25
N SER B 55 -16.79 -42.94 14.95
CA SER B 55 -16.18 -41.86 14.18
C SER B 55 -16.60 -40.49 14.68
N GLU B 56 -17.61 -40.47 15.55
CA GLU B 56 -18.17 -39.24 16.04
C GLU B 56 -17.31 -38.69 17.20
N VAL B 58 -13.71 -38.98 17.20
CA VAL B 58 -12.33 -38.82 16.83
C VAL B 58 -11.85 -37.36 16.96
N ALA B 59 -10.57 -37.22 17.31
CA ALA B 59 -9.92 -35.94 17.39
C ALA B 59 -9.20 -35.63 16.10
N ASP B 60 -8.85 -36.67 15.34
CA ASP B 60 -8.11 -36.49 14.10
C ASP B 60 -8.47 -37.52 13.05
N ASP B 61 -7.81 -37.46 11.90
CA ASP B 61 -8.11 -38.40 10.83
C ASP B 61 -7.27 -39.68 10.93
N GLN B 62 -6.61 -39.88 12.07
CA GLN B 62 -5.83 -41.10 12.30
C GLN B 62 -6.54 -42.07 13.24
N GLY B 63 -7.74 -41.71 13.69
CA GLY B 63 -8.52 -42.61 14.55
C GLY B 63 -8.32 -42.37 16.03
N LEU B 64 -7.63 -41.30 16.38
CA LEU B 64 -7.41 -40.96 17.77
C LEU B 64 -8.72 -40.49 18.41
N ILE B 65 -9.04 -41.06 19.56
CA ILE B 65 -10.30 -40.75 20.22
C ILE B 65 -10.14 -39.63 21.24
N PHE B 66 -10.93 -38.58 21.12
CA PHE B 66 -10.83 -37.45 22.05
C PHE B 66 -11.03 -37.99 23.46
N ASP B 67 -10.14 -37.61 24.37
CA ASP B 67 -10.11 -38.19 25.70
C ASP B 67 -11.39 -37.98 26.52
N ALA B 68 -12.10 -36.89 26.25
CA ALA B 68 -13.26 -36.56 27.04
C ALA B 68 -14.35 -37.61 26.89
N PHE B 69 -14.36 -38.34 25.78
CA PHE B 69 -15.39 -39.34 25.64
C PHE B 69 -15.13 -40.50 26.58
N ILE B 70 -13.87 -40.71 26.96
CA ILE B 70 -13.59 -41.74 27.94
C ILE B 70 -14.12 -41.21 29.27
N PHE B 71 -13.90 -39.93 29.51
CA PHE B 71 -14.41 -39.31 30.72
C PHE B 71 -15.92 -39.39 30.74
N ALA B 72 -16.56 -39.11 29.62
CA ALA B 72 -18.02 -39.21 29.59
C ALA B 72 -18.47 -40.61 30.02
N ALA B 73 -17.82 -41.64 29.51
CA ALA B 73 -18.19 -42.99 29.85
C ALA B 73 -18.02 -43.14 31.35
N ALA B 74 -16.89 -42.68 31.87
CA ALA B 74 -16.60 -42.83 33.31
C ALA B 74 -17.61 -42.06 34.15
N ASN B 75 -17.98 -40.88 33.64
CA ASN B 75 -18.98 -40.05 34.28
C ASN B 75 -20.31 -40.81 34.38
N TYR B 76 -20.70 -41.47 33.31
CA TYR B 76 -21.98 -42.14 33.26
C TYR B 76 -22.00 -43.34 34.22
N VAL B 77 -21.02 -44.23 34.09
CA VAL B 77 -20.99 -45.44 34.91
C VAL B 77 -20.84 -45.12 36.40
N ALA B 78 -20.11 -44.07 36.71
CA ALA B 78 -19.99 -43.63 38.10
C ALA B 78 -21.39 -43.31 38.62
N GLN B 79 -22.14 -42.50 37.88
CA GLN B 79 -23.48 -42.18 38.34
C GLN B 79 -24.41 -43.37 38.38
N ALA B 80 -24.19 -44.34 37.51
CA ALA B 80 -25.03 -45.52 37.51
C ALA B 80 -24.73 -46.38 38.74
N SER B 81 -23.53 -46.25 39.32
CA SER B 81 -23.17 -47.04 40.49
C SER B 81 -23.93 -46.60 41.72
N ILE B 82 -24.37 -45.35 41.74
CA ILE B 82 -25.16 -44.80 42.81
C ILE B 82 -26.64 -44.94 42.47
N ASN B 83 -26.94 -44.78 41.18
CA ASN B 83 -28.32 -44.89 40.69
C ASN B 83 -29.40 -44.10 41.45
N LYS B 84 -29.19 -42.80 41.65
CA LYS B 84 -30.22 -41.94 42.21
C LYS B 84 -30.88 -41.12 41.12
N GLU B 85 -32.15 -40.77 41.30
CA GLU B 85 -32.87 -40.05 40.28
C GLU B 85 -32.30 -38.67 40.05
N PHE B 86 -31.93 -37.99 41.13
CA PHE B 86 -31.38 -36.64 41.02
C PHE B 86 -29.94 -36.63 41.51
N SER B 87 -28.99 -36.68 40.58
CA SER B 87 -27.58 -36.61 40.98
C SER B 87 -26.76 -35.84 39.97
N VAL B 88 -25.57 -35.48 40.38
CA VAL B 88 -24.70 -34.70 39.54
C VAL B 88 -23.31 -35.02 40.02
N ILE B 89 -22.30 -34.80 39.19
CA ILE B 89 -20.96 -34.91 39.69
C ILE B 89 -20.35 -33.55 40.03
N ILE B 90 -19.48 -33.52 41.04
CA ILE B 90 -19.05 -32.28 41.67
C ILE B 90 -17.53 -32.09 41.57
N GLY B 91 -16.84 -33.19 41.26
CA GLY B 91 -15.37 -33.21 41.19
C GLY B 91 -14.85 -34.52 40.62
N SER B 92 -13.68 -34.47 40.00
CA SER B 92 -13.03 -35.71 39.55
C SER B 92 -11.54 -35.62 39.55
N LYS B 93 -10.89 -36.77 39.65
CA LYS B 93 -9.44 -36.92 39.49
C LYS B 93 -9.21 -38.11 38.57
N CYS B 94 -8.74 -37.86 37.36
CA CYS B 94 -8.58 -38.92 36.37
C CYS B 94 -7.15 -39.11 35.90
N PHE B 95 -6.82 -40.34 35.54
CA PHE B 95 -5.59 -40.60 34.81
C PHE B 95 -5.96 -41.29 33.50
N PHE B 96 -5.40 -40.82 32.40
CA PHE B 96 -5.59 -41.45 31.10
C PHE B 96 -4.27 -42.08 30.68
N TYR B 97 -4.15 -43.39 30.83
CA TYR B 97 -2.85 -44.03 30.67
C TYR B 97 -2.47 -44.20 29.21
N ALA B 98 -3.48 -44.28 28.36
CA ALA B 98 -3.25 -44.44 26.93
C ALA B 98 -4.49 -44.02 26.19
N PRO B 99 -4.31 -43.42 25.02
CA PRO B 99 -5.49 -42.98 24.32
C PRO B 99 -6.16 -44.14 23.59
N LEU B 100 -7.47 -44.09 23.43
CA LEU B 100 -8.12 -45.11 22.65
C LEU B 100 -8.00 -44.85 21.17
N LYS B 101 -8.16 -45.91 20.38
CA LYS B 101 -8.15 -45.81 18.94
C LYS B 101 -9.50 -46.26 18.37
N LEU B 102 -9.96 -45.57 17.34
CA LEU B 102 -11.24 -45.91 16.74
C LEU B 102 -11.30 -47.40 16.49
N GLY B 103 -12.38 -48.02 16.94
CA GLY B 103 -12.54 -49.46 16.78
C GLY B 103 -12.38 -50.20 18.08
N ASP B 104 -11.71 -49.58 19.05
CA ASP B 104 -11.62 -50.27 20.33
C ASP B 104 -12.88 -50.10 21.14
N VAL B 105 -13.16 -51.09 21.98
CA VAL B 105 -14.24 -50.94 22.93
C VAL B 105 -13.68 -50.87 24.33
N LEU B 106 -14.14 -49.88 25.08
CA LEU B 106 -13.72 -49.69 26.45
C LEU B 106 -14.69 -50.36 27.39
N GLU B 107 -14.15 -51.09 28.36
CA GLU B 107 -14.97 -51.74 29.37
C GLU B 107 -14.72 -51.02 30.69
N LEU B 108 -15.75 -50.44 31.28
CA LEU B 108 -15.58 -49.70 32.53
C LEU B 108 -16.29 -50.36 33.69
N GLU B 109 -15.68 -50.27 34.86
CA GLU B 109 -16.27 -50.81 36.07
C GLU B 109 -16.19 -49.70 37.12
N ALA B 110 -17.26 -49.53 37.89
CA ALA B 110 -17.29 -48.47 38.91
C ALA B 110 -17.74 -49.01 40.28
N HIS B 111 -17.01 -48.61 41.32
CA HIS B 111 -17.31 -49.05 42.67
C HIS B 111 -17.43 -47.83 43.56
N ALA B 112 -18.59 -47.69 44.20
CA ALA B 112 -18.82 -46.58 45.15
C ALA B 112 -18.30 -46.94 46.50
N LEU B 113 -17.50 -46.07 47.12
CA LEU B 113 -17.01 -46.36 48.46
C LEU B 113 -18.12 -46.08 49.46
N LYS B 119 -24.96 -38.05 51.16
CA LYS B 119 -25.37 -37.69 49.82
C LYS B 119 -24.19 -37.53 48.87
N LYS B 120 -23.01 -37.24 49.43
CA LYS B 120 -21.79 -37.13 48.65
C LYS B 120 -21.05 -38.46 48.64
N ARG B 121 -20.80 -39.01 47.46
CA ARG B 121 -20.08 -40.30 47.36
C ARG B 121 -18.88 -40.24 46.46
N ASP B 122 -17.85 -41.00 46.81
CA ASP B 122 -16.67 -41.12 45.96
C ASP B 122 -16.75 -42.45 45.18
N VAL B 123 -16.57 -42.38 43.87
CA VAL B 123 -16.72 -43.56 43.03
C VAL B 123 -15.40 -43.85 42.33
N LYS B 124 -14.89 -45.07 42.48
CA LYS B 124 -13.69 -45.51 41.78
C LYS B 124 -14.10 -46.09 40.43
N VAL B 125 -13.60 -45.50 39.35
CA VAL B 125 -13.83 -46.01 38.00
C VAL B 125 -12.53 -46.48 37.34
N VAL B 126 -12.60 -47.60 36.64
CA VAL B 126 -11.45 -48.16 35.96
C VAL B 126 -11.88 -48.60 34.55
N GLY B 127 -11.07 -48.32 33.54
CA GLY B 127 -11.42 -48.72 32.19
C GLY B 127 -10.36 -49.61 31.56
N HIS B 128 -10.82 -50.61 30.82
CA HIS B 128 -9.92 -51.51 30.11
C HIS B 128 -10.25 -51.60 28.62
N VAL B 129 -9.24 -51.76 27.79
CA VAL B 129 -9.43 -52.19 26.42
C VAL B 129 -8.78 -53.55 26.33
N LYS B 130 -9.60 -54.57 26.15
CA LYS B 130 -9.09 -55.93 26.28
C LYS B 130 -8.52 -56.09 27.67
N GLU B 131 -7.27 -56.49 27.76
CA GLU B 131 -6.70 -56.76 29.06
C GLU B 131 -5.96 -55.56 29.62
N ILE B 132 -5.87 -54.48 28.87
CA ILE B 132 -5.01 -53.39 29.30
C ILE B 132 -5.78 -52.24 29.97
N LYS B 133 -5.34 -51.87 31.16
CA LYS B 133 -5.99 -50.79 31.88
C LYS B 133 -5.57 -49.44 31.29
N PHE B 135 -7.59 -46.42 31.74
CA PHE B 135 -8.15 -45.28 32.45
C PHE B 135 -8.43 -45.62 33.92
N GLU B 136 -8.20 -44.65 34.79
CA GLU B 136 -8.50 -44.82 36.19
C GLU B 136 -8.86 -43.46 36.75
N GLY B 137 -9.84 -43.43 37.64
CA GLY B 137 -10.30 -42.17 38.16
C GLY B 137 -11.23 -42.25 39.34
N THR B 138 -11.27 -41.17 40.12
CA THR B 138 -12.23 -41.06 41.22
C THR B 138 -13.21 -39.96 40.89
N ILE B 139 -14.50 -40.23 40.98
CA ILE B 139 -15.50 -39.21 40.65
C ILE B 139 -16.41 -38.98 41.84
N GLN B 140 -16.63 -37.71 42.21
CA GLN B 140 -17.52 -37.44 43.34
C GLN B 140 -18.94 -37.15 42.87
N VAL B 141 -19.86 -37.99 43.29
CA VAL B 141 -21.25 -37.84 42.94
C VAL B 141 -22.02 -37.33 44.14
N VAL B 142 -22.92 -36.37 43.92
CA VAL B 142 -23.80 -35.89 44.97
C VAL B 142 -25.24 -36.04 44.51
N SER B 143 -26.11 -36.57 45.37
CA SER B 143 -27.53 -36.70 45.02
C SER B 143 -28.40 -35.94 45.99
N THR B 144 -29.63 -35.68 45.57
CA THR B 144 -30.52 -34.79 46.30
C THR B 144 -31.90 -35.38 46.23
N ASP B 145 -32.80 -34.93 47.10
CA ASP B 145 -34.14 -35.46 47.15
C ASP B 145 -34.97 -34.86 46.05
N GLU B 146 -34.40 -33.88 45.37
CA GLU B 146 -35.10 -32.99 44.45
C GLU B 146 -34.10 -32.59 43.35
N HIS B 147 -34.57 -32.29 42.14
CA HIS B 147 -33.65 -31.91 41.06
C HIS B 147 -32.74 -30.74 41.48
N ILE B 148 -31.44 -30.75 41.13
CA ILE B 148 -30.59 -29.61 41.53
C ILE B 148 -31.23 -28.27 41.17
N PHE B 149 -31.91 -28.21 40.03
CA PHE B 149 -32.32 -26.91 39.50
C PHE B 149 -33.33 -26.20 40.37
N LYS B 150 -33.86 -26.95 41.33
CA LYS B 150 -34.81 -26.45 42.30
C LYS B 150 -34.10 -26.31 43.66
N LEU B 151 -32.78 -26.51 43.66
CA LEU B 151 -31.97 -26.64 44.87
C LEU B 151 -32.58 -27.66 45.84
N LEU C 9 3.60 -29.43 -14.12
CA LEU C 9 3.88 -28.21 -13.31
C LEU C 9 2.64 -27.81 -12.50
N GLU C 10 1.50 -28.40 -12.87
CA GLU C 10 0.24 -28.21 -12.14
C GLU C 10 -0.66 -29.45 -12.24
N GLU C 11 -1.15 -29.90 -11.08
CA GLU C 11 -2.03 -31.06 -10.96
C GLU C 11 -3.45 -30.60 -10.57
N TYR C 12 -3.62 -29.28 -10.48
CA TYR C 12 -4.81 -28.70 -9.86
C TYR C 12 -6.04 -28.56 -10.75
N ALA C 13 -5.81 -28.45 -12.06
CA ALA C 13 -6.85 -28.58 -13.07
C ALA C 13 -6.19 -28.91 -14.40
N SER C 14 -6.94 -29.47 -15.33
CA SER C 14 -6.38 -30.01 -16.58
C SER C 14 -5.59 -29.00 -17.43
N ALA C 15 -4.35 -29.36 -17.77
CA ALA C 15 -3.47 -28.52 -18.60
C ALA C 15 -4.14 -28.14 -19.91
N GLU C 16 -5.30 -28.75 -20.17
CA GLU C 16 -6.14 -28.38 -21.29
C GLU C 16 -7.08 -27.26 -20.85
N ASP C 17 -8.01 -27.60 -19.97
CA ASP C 17 -9.03 -26.64 -19.52
C ASP C 17 -8.42 -25.36 -18.93
N ILE C 18 -7.10 -25.21 -19.02
CA ILE C 18 -6.46 -23.94 -18.68
C ILE C 18 -6.38 -23.08 -19.93
N SER C 19 -6.06 -23.70 -21.05
CA SER C 19 -6.11 -23.02 -22.35
C SER C 19 -7.54 -22.61 -22.64
N ARG C 20 -8.48 -23.43 -22.20
CA ARG C 20 -9.91 -23.15 -22.39
C ARG C 20 -10.28 -21.86 -21.67
N VAL C 21 -9.50 -21.53 -20.64
CA VAL C 21 -9.75 -20.36 -19.84
C VAL C 21 -8.96 -19.18 -20.40
N ARG C 22 -7.85 -19.47 -21.07
CA ARG C 22 -7.10 -18.44 -21.76
C ARG C 22 -7.92 -17.91 -22.92
N ALA C 23 -8.72 -18.77 -23.52
CA ALA C 23 -9.51 -18.39 -24.67
C ALA C 23 -10.50 -17.26 -24.37
N GLU C 24 -11.12 -17.28 -23.20
CA GLU C 24 -12.23 -16.36 -22.95
C GLU C 24 -11.97 -15.34 -21.86
N LEU C 25 -10.71 -15.24 -21.42
CA LEU C 25 -10.36 -14.19 -20.47
C LEU C 25 -10.08 -12.87 -21.21
N LEU C 26 -10.78 -11.81 -20.81
CA LEU C 26 -10.63 -10.49 -21.42
C LEU C 26 -9.85 -9.56 -20.47
N THR C 27 -9.84 -9.93 -19.19
CA THR C 27 -9.22 -9.13 -18.14
C THR C 27 -7.72 -9.43 -17.99
N CYS C 28 -6.96 -8.38 -17.67
CA CYS C 28 -5.51 -8.50 -17.44
C CYS C 28 -4.79 -9.38 -18.44
N PRO C 29 -4.92 -9.10 -19.74
CA PRO C 29 -4.35 -10.05 -20.69
C PRO C 29 -2.82 -10.16 -20.59
N GLU C 30 -2.16 -9.12 -20.08
CA GLU C 30 -0.70 -9.16 -20.05
C GLU C 30 -0.12 -9.41 -18.67
N LEU C 31 -0.95 -9.70 -17.69
CA LEU C 31 -0.50 -9.90 -16.32
C LEU C 31 0.49 -11.05 -16.23
N ASN C 32 1.56 -10.85 -15.45
CA ASN C 32 2.51 -11.91 -15.18
C ASN C 32 1.92 -13.00 -14.30
N THR C 33 1.58 -14.10 -14.91
CA THR C 33 0.82 -15.13 -14.25
C THR C 33 1.66 -15.93 -13.26
N SER C 34 2.97 -15.73 -13.30
CA SER C 34 3.81 -16.45 -12.39
C SER C 34 3.97 -15.71 -11.09
N LEU C 35 3.39 -14.51 -11.00
CA LEU C 35 3.35 -13.72 -9.76
C LEU C 35 1.94 -13.58 -9.22
N ALA C 36 0.94 -13.72 -10.09
CA ALA C 36 -0.45 -13.50 -9.68
C ALA C 36 -1.26 -14.78 -9.70
N GLY C 37 -0.66 -15.85 -10.22
CA GLY C 37 -1.37 -17.10 -10.31
C GLY C 37 -1.98 -17.31 -11.68
N THR C 38 -2.61 -18.46 -11.85
CA THR C 38 -3.23 -18.84 -13.08
C THR C 38 -4.72 -19.14 -12.85
N ILE C 39 -5.58 -18.62 -13.72
CA ILE C 39 -7.01 -18.88 -13.66
C ILE C 39 -7.26 -20.22 -14.20
N ILE C 40 -8.10 -20.97 -13.49
CA ILE C 40 -8.24 -22.39 -13.68
C ILE C 40 -9.67 -22.74 -14.07
N GLU C 41 -10.58 -21.82 -13.79
CA GLU C 41 -11.99 -22.03 -14.08
C GLU C 41 -12.70 -20.70 -14.05
N ILE C 42 -13.62 -20.50 -14.98
CA ILE C 42 -14.37 -19.27 -15.04
C ILE C 42 -15.82 -19.57 -15.45
N ASP C 43 -16.75 -18.73 -14.98
CA ASP C 43 -18.15 -18.82 -15.40
C ASP C 43 -18.78 -17.49 -14.99
N LYS C 44 -20.06 -17.33 -15.27
CA LYS C 44 -20.75 -16.10 -14.89
C LYS C 44 -20.56 -15.82 -13.41
N ASN C 45 -20.01 -14.65 -13.08
CA ASN C 45 -19.91 -14.25 -11.68
C ASN C 45 -19.01 -15.17 -10.85
N TYR C 46 -18.16 -15.93 -11.53
CA TYR C 46 -17.36 -16.92 -10.85
C TYR C 46 -15.99 -17.19 -11.48
N ALA C 47 -14.98 -17.39 -10.63
CA ALA C 47 -13.68 -17.81 -11.11
C ALA C 47 -12.87 -18.53 -10.03
N LYS C 48 -11.98 -19.40 -10.46
CA LYS C 48 -11.13 -20.14 -9.56
C LYS C 48 -9.69 -20.06 -10.08
N SER C 49 -8.72 -19.88 -9.18
CA SER C 49 -7.33 -19.80 -9.60
C SER C 49 -6.40 -20.50 -8.62
N ILE C 50 -5.15 -20.64 -9.02
CA ILE C 50 -4.13 -21.27 -8.21
C ILE C 50 -2.90 -20.41 -8.23
N LEU C 51 -2.29 -20.23 -7.07
CA LEU C 51 -1.03 -19.53 -6.97
C LEU C 51 0.01 -20.48 -6.42
N ILE C 52 0.98 -20.86 -7.23
CA ILE C 52 2.10 -21.63 -6.70
C ILE C 52 3.19 -20.69 -6.26
N THR C 53 3.59 -20.81 -4.99
CA THR C 53 4.48 -19.85 -4.39
C THR C 53 5.87 -20.06 -4.93
N THR C 54 6.59 -18.98 -5.21
CA THR C 54 7.96 -19.14 -5.73
C THR C 54 8.98 -18.31 -4.95
N SER C 55 10.25 -18.57 -5.19
CA SER C 55 11.32 -17.89 -4.48
C SER C 55 11.32 -16.40 -4.79
N GLU C 56 10.58 -16.00 -5.83
CA GLU C 56 10.47 -14.59 -6.19
C GLU C 56 9.56 -13.81 -5.26
N VAL C 58 9.39 -14.37 -1.76
CA VAL C 58 9.76 -14.45 -0.35
C VAL C 58 10.04 -13.09 0.25
N ALA C 59 9.74 -12.97 1.55
CA ALA C 59 10.04 -11.78 2.32
C ALA C 59 11.36 -11.95 3.05
N ASP C 60 11.75 -13.19 3.29
CA ASP C 60 12.94 -13.48 4.05
C ASP C 60 13.58 -14.78 3.63
N ASP C 61 14.63 -15.19 4.36
CA ASP C 61 15.38 -16.38 4.01
C ASP C 61 14.81 -17.63 4.66
N GLN C 62 13.62 -17.49 5.26
CA GLN C 62 12.97 -18.60 5.95
C GLN C 62 11.82 -19.18 5.14
N GLY C 63 11.55 -18.60 3.97
CA GLY C 63 10.49 -19.10 3.10
C GLY C 63 9.16 -18.38 3.30
N LEU C 64 9.18 -17.34 4.12
CA LEU C 64 8.00 -16.55 4.36
C LEU C 64 7.59 -15.80 3.09
N ILE C 65 6.33 -15.95 2.66
CA ILE C 65 5.88 -15.27 1.44
C ILE C 65 5.25 -13.95 1.76
N PHE C 66 5.71 -12.91 1.07
CA PHE C 66 5.20 -11.56 1.26
C PHE C 66 3.71 -11.56 1.00
N ASP C 67 2.93 -11.03 1.94
CA ASP C 67 1.47 -11.14 1.90
C ASP C 67 0.81 -10.54 0.65
N ALA C 68 1.44 -9.55 0.02
CA ALA C 68 0.89 -8.88 -1.15
C ALA C 68 0.70 -9.82 -2.34
N PHE C 69 1.51 -10.87 -2.43
CA PHE C 69 1.33 -11.80 -3.50
C PHE C 69 0.03 -12.59 -3.32
N ILE C 70 -0.40 -12.78 -2.09
CA ILE C 70 -1.67 -13.45 -1.98
C ILE C 70 -2.76 -12.45 -2.35
N PHE C 71 -2.55 -11.19 -1.97
CA PHE C 71 -3.44 -10.16 -2.47
C PHE C 71 -3.46 -10.08 -4.02
N ALA C 72 -2.30 -10.17 -4.64
CA ALA C 72 -2.23 -10.15 -6.08
C ALA C 72 -3.09 -11.26 -6.68
N ALA C 73 -2.99 -12.46 -6.13
CA ALA C 73 -3.78 -13.54 -6.65
C ALA C 73 -5.29 -13.27 -6.47
N ALA C 74 -5.66 -12.75 -5.31
CA ALA C 74 -7.06 -12.38 -5.05
C ALA C 74 -7.50 -11.32 -6.04
N ASN C 75 -6.62 -10.37 -6.29
CA ASN C 75 -6.93 -9.28 -7.19
C ASN C 75 -7.26 -9.87 -8.58
N TYR C 76 -6.43 -10.79 -9.05
CA TYR C 76 -6.57 -11.35 -10.38
C TYR C 76 -7.85 -12.16 -10.52
N VAL C 77 -8.06 -13.11 -9.62
CA VAL C 77 -9.23 -13.96 -9.70
C VAL C 77 -10.53 -13.15 -9.52
N ALA C 78 -10.52 -12.14 -8.66
CA ALA C 78 -11.69 -11.30 -8.52
C ALA C 78 -12.02 -10.65 -9.88
N GLN C 79 -11.02 -10.10 -10.56
CA GLN C 79 -11.27 -9.57 -11.91
C GLN C 79 -11.76 -10.65 -12.86
N ALA C 80 -11.21 -11.85 -12.72
CA ALA C 80 -11.59 -12.93 -13.62
C ALA C 80 -13.06 -13.27 -13.45
N SER C 81 -13.59 -13.11 -12.25
CA SER C 81 -14.99 -13.43 -11.96
C SER C 81 -15.97 -12.53 -12.69
N ILE C 82 -15.58 -11.29 -12.98
CA ILE C 82 -16.42 -10.44 -13.81
C ILE C 82 -16.02 -10.49 -15.29
N ASN C 83 -14.75 -10.74 -15.56
CA ASN C 83 -14.23 -10.88 -16.95
C ASN C 83 -14.64 -9.81 -17.95
N LYS C 84 -14.50 -8.55 -17.59
CA LYS C 84 -14.67 -7.46 -18.53
C LYS C 84 -13.33 -7.01 -19.09
N GLU C 85 -13.35 -6.54 -20.34
CA GLU C 85 -12.13 -6.15 -21.03
C GLU C 85 -11.46 -5.00 -20.31
N PHE C 86 -12.27 -4.06 -19.84
CA PHE C 86 -11.77 -2.83 -19.22
C PHE C 86 -12.26 -2.72 -17.80
N SER C 87 -11.45 -3.13 -16.85
CA SER C 87 -11.83 -3.07 -15.46
C SER C 87 -10.63 -2.72 -14.58
N VAL C 88 -10.92 -2.18 -13.41
CA VAL C 88 -9.90 -1.99 -12.39
C VAL C 88 -10.53 -2.27 -11.03
N ILE C 89 -9.71 -2.45 -10.00
CA ILE C 89 -10.29 -2.51 -8.65
C ILE C 89 -10.19 -1.14 -7.99
N ILE C 90 -11.19 -0.77 -7.19
CA ILE C 90 -11.12 0.54 -6.55
C ILE C 90 -11.14 0.51 -5.04
N GLY C 91 -11.22 -0.69 -4.46
CA GLY C 91 -11.22 -0.83 -3.00
C GLY C 91 -11.19 -2.29 -2.59
N SER C 92 -10.65 -2.57 -1.41
CA SER C 92 -10.68 -3.93 -0.87
C SER C 92 -10.66 -3.99 0.65
N LYS C 93 -11.15 -5.10 1.18
CA LYS C 93 -11.16 -5.37 2.62
C LYS C 93 -10.74 -6.83 2.80
N CYS C 94 -9.52 -7.06 3.27
CA CYS C 94 -8.95 -8.40 3.32
C CYS C 94 -8.60 -8.83 4.73
N PHE C 95 -8.69 -10.13 4.94
CA PHE C 95 -8.15 -10.76 6.13
C PHE C 95 -7.12 -11.80 5.69
N PHE C 96 -5.95 -11.77 6.30
CA PHE C 96 -4.93 -12.78 6.06
C PHE C 96 -4.77 -13.59 7.33
N TYR C 97 -5.36 -14.79 7.37
CA TYR C 97 -5.40 -15.56 8.60
C TYR C 97 -4.10 -16.22 8.96
N ALA C 98 -3.31 -16.55 7.96
CA ALA C 98 -1.98 -17.05 8.22
C ALA C 98 -1.12 -16.86 6.98
N PRO C 99 0.18 -16.67 7.18
CA PRO C 99 1.00 -16.39 6.01
C PRO C 99 1.35 -17.67 5.31
N LEU C 100 1.56 -17.58 4.00
CA LEU C 100 2.00 -18.73 3.26
C LEU C 100 3.52 -19.01 3.39
N LYS C 101 3.90 -20.25 3.11
CA LYS C 101 5.28 -20.67 3.19
C LYS C 101 5.68 -21.13 1.80
N LEU C 102 6.92 -20.85 1.41
CA LEU C 102 7.39 -21.25 0.10
C LEU C 102 7.17 -22.75 -0.10
N GLY C 103 6.58 -23.12 -1.23
CA GLY C 103 6.24 -24.51 -1.49
C GLY C 103 4.74 -24.74 -1.41
N ASP C 104 4.04 -23.86 -0.70
CA ASP C 104 2.59 -23.96 -0.59
C ASP C 104 1.96 -23.56 -1.91
N VAL C 105 0.84 -24.20 -2.23
CA VAL C 105 0.01 -23.75 -3.34
C VAL C 105 -1.32 -23.24 -2.82
N LEU C 106 -1.65 -21.99 -3.16
CA LEU C 106 -2.91 -21.41 -2.71
C LEU C 106 -3.99 -21.60 -3.75
N GLU C 107 -5.16 -22.03 -3.31
CA GLU C 107 -6.31 -22.19 -4.19
C GLU C 107 -7.35 -21.11 -3.88
N LEU C 108 -7.67 -20.28 -4.84
CA LEU C 108 -8.62 -19.22 -4.58
C LEU C 108 -9.92 -19.42 -5.36
N GLU C 109 -11.02 -19.00 -4.74
CA GLU C 109 -12.34 -19.01 -5.38
C GLU C 109 -12.91 -17.60 -5.27
N ALA C 110 -13.55 -17.12 -6.32
CA ALA C 110 -14.13 -15.79 -6.29
C ALA C 110 -15.58 -15.80 -6.75
N HIS C 111 -16.46 -15.17 -5.98
CA HIS C 111 -17.87 -15.07 -6.37
C HIS C 111 -18.30 -13.61 -6.37
N ALA C 112 -18.83 -13.17 -7.49
CA ALA C 112 -19.28 -11.80 -7.64
C ALA C 112 -20.72 -11.68 -7.24
N LEU C 113 -21.02 -10.67 -6.44
CA LEU C 113 -22.36 -10.53 -5.88
C LEU C 113 -23.28 -9.84 -6.89
N PHE C 114 -24.57 -9.81 -6.61
CA PHE C 114 -25.60 -9.33 -7.55
C PHE C 114 -25.12 -8.66 -8.85
N ASP C 115 -25.97 -8.76 -9.88
CA ASP C 115 -25.51 -9.01 -11.26
C ASP C 115 -24.87 -7.96 -12.16
N GLU C 116 -24.65 -8.36 -13.41
CA GLU C 116 -23.83 -7.64 -14.37
C GLU C 116 -24.13 -6.14 -14.45
N THR C 117 -25.06 -5.78 -15.33
CA THR C 117 -25.49 -4.38 -15.51
C THR C 117 -24.69 -3.33 -14.76
N SER C 118 -24.59 -3.50 -13.43
CA SER C 118 -23.88 -2.55 -12.56
C SER C 118 -22.41 -2.50 -12.91
N LYS C 119 -21.88 -1.30 -13.06
CA LYS C 119 -20.47 -1.23 -13.42
C LYS C 119 -19.64 -1.58 -12.20
N LYS C 120 -20.17 -1.26 -11.02
CA LYS C 120 -19.47 -1.52 -9.78
C LYS C 120 -19.94 -2.81 -9.15
N ARG C 121 -19.02 -3.72 -8.87
CA ARG C 121 -19.39 -5.01 -8.29
C ARG C 121 -18.47 -5.38 -7.13
N ASP C 122 -19.05 -6.08 -6.18
CA ASP C 122 -18.28 -6.59 -5.05
C ASP C 122 -18.04 -8.07 -5.26
N VAL C 123 -16.82 -8.50 -5.00
CA VAL C 123 -16.43 -9.88 -5.22
C VAL C 123 -15.93 -10.49 -3.94
N LYS C 124 -16.49 -11.63 -3.56
CA LYS C 124 -15.96 -12.33 -2.40
C LYS C 124 -14.89 -13.32 -2.82
N VAL C 125 -13.68 -13.14 -2.32
CA VAL C 125 -12.59 -14.10 -2.56
C VAL C 125 -12.23 -14.88 -1.28
N VAL C 126 -12.02 -16.20 -1.41
CA VAL C 126 -11.44 -16.98 -0.31
C VAL C 126 -10.28 -17.82 -0.82
N GLY C 127 -9.25 -17.95 0.00
CA GLY C 127 -8.08 -18.75 -0.37
C GLY C 127 -7.83 -19.88 0.60
N HIS C 128 -7.47 -21.05 0.06
CA HIS C 128 -7.14 -22.22 0.87
C HIS C 128 -5.74 -22.73 0.54
N VAL C 129 -5.05 -23.25 1.56
CA VAL C 129 -3.87 -24.08 1.33
C VAL C 129 -4.28 -25.42 1.83
N LYS C 130 -4.40 -26.40 0.94
CA LYS C 130 -4.98 -27.69 1.30
C LYS C 130 -6.37 -27.43 1.87
N GLU C 131 -6.64 -27.92 3.06
CA GLU C 131 -7.97 -27.73 3.62
C GLU C 131 -8.12 -26.49 4.48
N ILE C 132 -7.07 -25.70 4.63
CA ILE C 132 -7.18 -24.60 5.57
C ILE C 132 -7.38 -23.25 4.93
N LYS C 133 -8.41 -22.57 5.42
CA LYS C 133 -8.77 -21.22 4.98
C LYS C 133 -7.70 -20.24 5.46
N PHE C 135 -7.05 -17.08 3.65
CA PHE C 135 -7.34 -15.72 3.22
C PHE C 135 -8.82 -15.54 2.90
N GLU C 136 -9.36 -14.37 3.26
CA GLU C 136 -10.74 -14.02 2.93
C GLU C 136 -10.76 -12.53 2.63
N GLY C 137 -11.52 -12.13 1.62
CA GLY C 137 -11.54 -10.72 1.24
C GLY C 137 -12.66 -10.31 0.30
N THR C 138 -13.07 -9.05 0.39
CA THR C 138 -14.02 -8.50 -0.56
C THR C 138 -13.29 -7.47 -1.42
N ILE C 139 -13.44 -7.58 -2.74
CA ILE C 139 -12.75 -6.68 -3.66
C ILE C 139 -13.76 -5.99 -4.59
N GLN C 140 -13.65 -4.68 -4.73
CA GLN C 140 -14.61 -3.89 -5.49
C GLN C 140 -14.07 -3.64 -6.89
N VAL C 141 -14.74 -4.21 -7.89
CA VAL C 141 -14.31 -4.08 -9.26
C VAL C 141 -15.23 -3.13 -9.97
N VAL C 142 -14.66 -2.26 -10.81
CA VAL C 142 -15.42 -1.34 -11.63
C VAL C 142 -15.02 -1.54 -13.07
N SER C 143 -16.00 -1.66 -13.95
CA SER C 143 -15.70 -1.86 -15.33
C SER C 143 -16.17 -0.67 -16.12
N THR C 144 -15.55 -0.46 -17.27
CA THR C 144 -15.95 0.59 -18.16
C THR C 144 -16.09 0.05 -19.58
N ASP C 145 -16.63 0.88 -20.48
CA ASP C 145 -16.98 0.49 -21.83
C ASP C 145 -15.79 0.67 -22.77
N GLU C 146 -14.75 1.27 -22.22
CA GLU C 146 -13.64 1.78 -22.96
C GLU C 146 -12.56 1.94 -21.88
N HIS C 147 -11.33 1.60 -22.22
CA HIS C 147 -10.19 1.69 -21.31
C HIS C 147 -10.19 2.94 -20.46
N ILE C 148 -9.77 2.81 -19.22
CA ILE C 148 -9.76 3.90 -18.25
C ILE C 148 -8.96 5.07 -18.75
N PHE C 149 -7.79 4.82 -19.33
CA PHE C 149 -6.93 5.90 -19.83
C PHE C 149 -7.61 6.59 -21.00
N LYS C 150 -8.75 6.03 -21.39
CA LYS C 150 -9.60 6.53 -22.47
C LYS C 150 -8.89 6.48 -23.83
N GLN D 8 16.04 5.20 -11.06
CA GLN D 8 15.80 6.68 -11.01
C GLN D 8 15.31 7.12 -9.63
N LEU D 9 15.70 6.37 -8.61
CA LEU D 9 15.37 6.75 -7.25
C LEU D 9 15.97 8.10 -6.94
N GLU D 10 17.19 8.31 -7.41
CA GLU D 10 17.95 9.48 -6.99
C GLU D 10 17.31 10.84 -7.30
N GLU D 11 16.21 10.85 -8.03
CA GLU D 11 15.37 12.05 -8.11
C GLU D 11 14.50 12.23 -6.84
N TYR D 12 14.22 11.14 -6.13
CA TYR D 12 13.31 11.20 -4.98
C TYR D 12 14.03 11.05 -3.64
N ALA D 13 15.23 10.50 -3.67
CA ALA D 13 16.01 10.41 -2.45
C ALA D 13 17.45 10.22 -2.81
N SER D 14 18.35 10.69 -1.95
CA SER D 14 19.76 10.52 -2.21
C SER D 14 20.24 9.08 -1.98
N ALA D 15 21.39 8.75 -2.55
CA ALA D 15 21.97 7.43 -2.33
C ALA D 15 22.16 7.25 -0.82
N GLU D 16 22.72 8.28 -0.20
CA GLU D 16 22.93 8.32 1.24
C GLU D 16 21.68 7.98 2.01
N ASP D 17 20.64 8.78 1.83
CA ASP D 17 19.36 8.50 2.43
C ASP D 17 18.99 7.00 2.29
N ILE D 18 18.88 6.52 1.05
CA ILE D 18 18.54 5.13 0.79
C ILE D 18 19.40 4.13 1.55
N SER D 19 20.71 4.36 1.56
CA SER D 19 21.65 3.43 2.18
C SER D 19 21.50 3.44 3.69
N ARG D 20 21.27 4.62 4.24
CA ARG D 20 21.13 4.80 5.67
C ARG D 20 19.94 3.95 6.14
N VAL D 21 18.82 4.11 5.47
CA VAL D 21 17.65 3.31 5.76
C VAL D 21 17.98 1.83 5.68
N ARG D 22 18.61 1.41 4.58
CA ARG D 22 18.87 0.01 4.40
C ARG D 22 19.61 -0.56 5.61
N ALA D 23 20.42 0.25 6.27
CA ALA D 23 21.25 -0.25 7.39
C ALA D 23 20.49 -0.50 8.67
N GLU D 24 19.33 0.13 8.82
CA GLU D 24 18.51 -0.12 10.00
C GLU D 24 17.18 -0.82 9.73
N LEU D 25 16.98 -1.31 8.51
CA LEU D 25 15.75 -2.01 8.16
C LEU D 25 15.80 -3.48 8.61
N LEU D 26 14.89 -3.95 9.45
CA LEU D 26 14.95 -5.35 9.84
C LEU D 26 13.92 -6.19 9.09
N THR D 27 12.80 -5.54 8.74
CA THR D 27 11.67 -6.20 8.08
C THR D 27 11.93 -6.61 6.59
N CYS D 28 11.35 -7.73 6.17
CA CYS D 28 11.40 -8.14 4.77
C CYS D 28 12.80 -8.04 4.14
N PRO D 29 13.82 -8.55 4.82
CA PRO D 29 15.17 -8.34 4.27
C PRO D 29 15.34 -8.86 2.84
N GLU D 30 14.54 -9.84 2.40
CA GLU D 30 14.79 -10.48 1.09
C GLU D 30 13.80 -10.06 0.04
N LEU D 31 12.91 -9.15 0.40
CA LEU D 31 11.89 -8.71 -0.51
C LEU D 31 12.48 -8.17 -1.81
N ASN D 32 11.87 -8.55 -2.94
CA ASN D 32 12.25 -7.95 -4.19
C ASN D 32 11.85 -6.49 -4.34
N THR D 33 12.84 -5.63 -4.19
CA THR D 33 12.62 -4.21 -4.09
C THR D 33 12.14 -3.59 -5.39
N SER D 34 12.32 -4.32 -6.49
CA SER D 34 11.92 -3.76 -7.77
C SER D 34 10.46 -4.03 -8.07
N LEU D 35 9.79 -4.77 -7.20
CA LEU D 35 8.39 -5.08 -7.33
C LEU D 35 7.58 -4.43 -6.23
N ALA D 36 8.24 -4.09 -5.11
CA ALA D 36 7.51 -3.56 -3.94
C ALA D 36 7.97 -2.16 -3.61
N GLY D 37 9.04 -1.71 -4.26
CA GLY D 37 9.50 -0.36 -4.02
C GLY D 37 10.68 -0.35 -3.09
N THR D 38 11.21 0.85 -2.86
CA THR D 38 12.34 1.02 -1.99
C THR D 38 12.00 1.95 -0.85
N ILE D 39 12.38 1.57 0.37
CA ILE D 39 12.18 2.46 1.49
C ILE D 39 13.21 3.57 1.48
N ILE D 40 12.76 4.81 1.58
CA ILE D 40 13.68 5.93 1.47
C ILE D 40 13.80 6.75 2.75
N GLU D 41 12.97 6.46 3.74
CA GLU D 41 13.05 7.14 4.99
C GLU D 41 12.33 6.33 6.04
N ILE D 42 12.89 6.28 7.24
CA ILE D 42 12.31 5.50 8.31
C ILE D 42 12.52 6.21 9.63
N ASP D 43 11.60 6.00 10.56
CA ASP D 43 11.69 6.63 11.87
C ASP D 43 10.73 5.86 12.75
N LYS D 44 10.68 6.16 14.04
CA LYS D 44 9.75 5.48 14.89
C LYS D 44 8.32 5.72 14.38
N ASN D 45 7.60 4.63 14.14
CA ASN D 45 6.21 4.73 13.70
C ASN D 45 6.02 5.37 12.33
N TYR D 46 7.09 5.44 11.55
CA TYR D 46 7.06 6.19 10.31
C TYR D 46 7.93 5.57 9.24
N ALA D 47 7.47 5.62 7.99
CA ALA D 47 8.30 5.21 6.87
C ALA D 47 7.82 5.80 5.56
N LYS D 48 8.74 5.97 4.62
CA LYS D 48 8.41 6.57 3.31
C LYS D 48 9.06 5.68 2.26
N SER D 49 8.35 5.43 1.16
CA SER D 49 8.90 4.61 0.10
C SER D 49 8.54 5.16 -1.28
N ILE D 50 9.21 4.62 -2.31
CA ILE D 50 8.96 5.00 -3.68
C ILE D 50 8.79 3.74 -4.51
N LEU D 51 7.78 3.71 -5.38
CA LEU D 51 7.59 2.62 -6.30
C LEU D 51 7.70 3.18 -7.68
N ILE D 52 8.74 2.77 -8.41
CA ILE D 52 8.86 3.12 -9.79
C ILE D 52 8.20 1.99 -10.59
N THR D 53 7.20 2.35 -11.39
CA THR D 53 6.41 1.35 -12.12
C THR D 53 7.29 0.74 -13.23
N THR D 54 7.18 -0.57 -13.42
CA THR D 54 7.95 -1.21 -14.47
C THR D 54 7.08 -2.08 -15.36
N SER D 55 7.65 -2.44 -16.49
CA SER D 55 6.98 -3.22 -17.49
C SER D 55 6.52 -4.57 -16.94
N GLU D 56 7.07 -4.96 -15.80
CA GLU D 56 6.67 -6.27 -15.32
C GLU D 56 5.48 -6.24 -14.39
N VAL D 58 2.59 -4.58 -15.53
CA VAL D 58 1.47 -4.17 -16.37
C VAL D 58 0.38 -5.23 -16.39
N ALA D 59 -0.85 -4.78 -16.52
CA ALA D 59 -1.99 -5.65 -16.67
C ALA D 59 -2.35 -5.84 -18.14
N ASP D 60 -2.01 -4.86 -18.97
CA ASP D 60 -2.32 -4.91 -20.37
C ASP D 60 -1.26 -4.22 -21.23
N ASP D 61 -1.48 -4.15 -22.54
CA ASP D 61 -0.51 -3.51 -23.42
C ASP D 61 -0.74 -2.01 -23.59
N GLN D 62 -1.51 -1.43 -22.68
CA GLN D 62 -1.77 0.00 -22.67
C GLN D 62 -1.03 0.71 -21.54
N GLY D 63 -0.27 -0.03 -20.73
CA GLY D 63 0.49 0.59 -19.68
C GLY D 63 -0.21 0.63 -18.34
N LEU D 64 -1.35 -0.01 -18.27
CA LEU D 64 -2.11 -0.07 -17.05
C LEU D 64 -1.40 -0.99 -16.06
N ILE D 65 -1.16 -0.47 -14.85
CA ILE D 65 -0.45 -1.18 -13.81
C ILE D 65 -1.41 -1.95 -12.94
N PHE D 66 -1.15 -3.24 -12.77
CA PHE D 66 -1.99 -4.08 -11.92
C PHE D 66 -2.01 -3.51 -10.53
N ASP D 67 -3.21 -3.38 -9.96
CA ASP D 67 -3.41 -2.68 -8.68
C ASP D 67 -2.64 -3.31 -7.52
N ALA D 68 -2.43 -4.62 -7.59
CA ALA D 68 -1.79 -5.31 -6.48
C ALA D 68 -0.38 -4.80 -6.23
N PHE D 69 0.26 -4.25 -7.24
CA PHE D 69 1.61 -3.74 -7.02
C PHE D 69 1.60 -2.50 -6.18
N ILE D 70 0.53 -1.72 -6.26
CA ILE D 70 0.38 -0.58 -5.37
C ILE D 70 0.22 -1.15 -3.97
N PHE D 71 -0.63 -2.16 -3.84
CA PHE D 71 -0.79 -2.80 -2.56
C PHE D 71 0.55 -3.36 -2.02
N ALA D 72 1.33 -4.03 -2.88
CA ALA D 72 2.66 -4.48 -2.44
C ALA D 72 3.46 -3.32 -1.86
N ALA D 73 3.48 -2.20 -2.54
CA ALA D 73 4.30 -1.13 -2.02
C ALA D 73 3.75 -0.66 -0.67
N ALA D 74 2.43 -0.59 -0.55
CA ALA D 74 1.85 -0.17 0.71
C ALA D 74 2.11 -1.21 1.79
N ASN D 75 2.11 -2.46 1.38
CA ASN D 75 2.39 -3.55 2.30
C ASN D 75 3.82 -3.38 2.85
N TYR D 76 4.76 -3.05 1.98
CA TYR D 76 6.17 -2.97 2.36
C TYR D 76 6.43 -1.81 3.30
N VAL D 77 5.99 -0.63 2.93
CA VAL D 77 6.24 0.55 3.74
C VAL D 77 5.46 0.50 5.06
N ALA D 78 4.31 -0.14 5.08
CA ALA D 78 3.58 -0.31 6.32
C ALA D 78 4.43 -1.10 7.31
N GLN D 79 5.04 -2.18 6.82
CA GLN D 79 5.89 -2.98 7.66
C GLN D 79 7.15 -2.24 8.03
N ALA D 80 7.61 -1.37 7.15
CA ALA D 80 8.82 -0.62 7.43
C ALA D 80 8.56 0.40 8.53
N SER D 81 7.30 0.84 8.69
CA SER D 81 6.97 1.83 9.75
C SER D 81 7.04 1.25 11.16
N ILE D 82 6.85 -0.05 11.29
CA ILE D 82 7.01 -0.72 12.55
C ILE D 82 8.45 -1.27 12.68
N ASN D 83 9.04 -1.69 11.58
CA ASN D 83 10.41 -2.18 11.53
C ASN D 83 10.80 -3.27 12.54
N LYS D 84 9.99 -4.30 12.65
CA LYS D 84 10.25 -5.44 13.52
C LYS D 84 10.83 -6.57 12.68
N GLU D 85 11.80 -7.31 13.22
CA GLU D 85 12.41 -8.39 12.49
C GLU D 85 11.42 -9.49 12.10
N PHE D 86 10.43 -9.74 12.94
CA PHE D 86 9.45 -10.80 12.64
C PHE D 86 8.05 -10.23 12.67
N SER D 87 7.55 -9.85 11.51
CA SER D 87 6.23 -9.30 11.41
C SER D 87 5.51 -9.84 10.19
N VAL D 88 4.19 -9.74 10.22
CA VAL D 88 3.41 -10.14 9.08
C VAL D 88 2.19 -9.20 9.08
N ILE D 89 1.49 -9.08 7.95
CA ILE D 89 0.23 -8.32 7.99
C ILE D 89 -0.93 -9.30 8.09
N ILE D 90 -1.99 -8.91 8.80
CA ILE D 90 -3.10 -9.82 9.05
C ILE D 90 -4.42 -9.31 8.51
N GLY D 91 -4.42 -8.07 8.03
CA GLY D 91 -5.63 -7.49 7.48
C GLY D 91 -5.38 -6.14 6.85
N SER D 92 -6.24 -5.77 5.91
CA SER D 92 -6.11 -4.47 5.26
C SER D 92 -7.45 -3.93 4.74
N LYS D 93 -7.55 -2.61 4.64
CA LYS D 93 -8.70 -1.94 4.06
C LYS D 93 -8.17 -0.80 3.19
N CYS D 94 -8.29 -0.96 1.87
CA CYS D 94 -7.66 -0.04 0.94
C CYS D 94 -8.62 0.59 -0.02
N PHE D 95 -8.30 1.81 -0.44
CA PHE D 95 -9.00 2.47 -1.56
C PHE D 95 -8.00 2.80 -2.66
N PHE D 96 -8.32 2.41 -3.88
CA PHE D 96 -7.51 2.74 -5.03
C PHE D 96 -8.24 3.78 -5.87
N TYR D 97 -7.87 5.04 -5.71
CA TYR D 97 -8.65 6.13 -6.28
C TYR D 97 -8.48 6.26 -7.79
N ALA D 98 -7.28 5.97 -8.27
CA ALA D 98 -7.02 5.92 -9.72
C ALA D 98 -5.89 4.95 -9.98
N PRO D 99 -5.95 4.28 -11.11
CA PRO D 99 -4.89 3.29 -11.29
C PRO D 99 -3.63 3.99 -11.79
N LEU D 100 -2.48 3.39 -11.56
CA LEU D 100 -1.24 3.95 -12.11
C LEU D 100 -0.99 3.58 -13.56
N LYS D 101 -0.20 4.41 -14.23
CA LYS D 101 0.21 4.19 -15.62
C LYS D 101 1.71 3.92 -15.63
N LEU D 102 2.14 3.00 -16.50
CA LEU D 102 3.54 2.71 -16.63
C LEU D 102 4.33 4.01 -16.84
N GLY D 103 5.35 4.20 -16.01
CA GLY D 103 6.16 5.40 -16.07
C GLY D 103 5.93 6.31 -14.87
N ASP D 104 4.81 6.09 -14.21
CA ASP D 104 4.51 6.83 -13.00
C ASP D 104 5.43 6.38 -11.91
N VAL D 105 5.74 7.27 -10.99
CA VAL D 105 6.41 6.92 -9.77
C VAL D 105 5.48 7.23 -8.61
N LEU D 106 5.22 6.23 -7.77
CA LEU D 106 4.36 6.40 -6.63
C LEU D 106 5.15 6.72 -5.38
N GLU D 107 4.73 7.76 -4.68
CA GLU D 107 5.34 8.14 -3.42
C GLU D 107 4.44 7.73 -2.25
N LEU D 108 4.89 6.82 -1.40
CA LEU D 108 4.06 6.34 -0.28
C LEU D 108 4.57 6.82 1.07
N GLU D 109 3.65 7.07 1.98
CA GLU D 109 3.97 7.50 3.34
C GLU D 109 3.17 6.66 4.30
N ALA D 110 3.80 6.14 5.35
CA ALA D 110 3.08 5.32 6.31
C ALA D 110 3.24 5.83 7.73
N HIS D 111 2.13 5.94 8.45
CA HIS D 111 2.17 6.35 9.86
C HIS D 111 1.48 5.31 10.74
N ALA D 112 2.19 4.78 11.72
CA ALA D 112 1.61 3.75 12.57
C ALA D 112 0.92 4.39 13.77
N LEU D 113 -0.30 3.98 14.09
CA LEU D 113 -0.98 4.54 15.25
C LEU D 113 -0.30 4.12 16.54
N PHE D 114 -0.09 5.09 17.43
CA PHE D 114 0.55 4.86 18.71
C PHE D 114 -0.03 3.67 19.48
N ASP D 115 0.86 2.87 20.05
CA ASP D 115 0.46 1.71 20.83
C ASP D 115 1.72 1.03 21.36
N GLU D 116 2.18 1.46 22.52
CA GLU D 116 3.48 1.04 23.02
C GLU D 116 3.47 -0.33 23.68
N THR D 117 2.29 -0.95 23.66
CA THR D 117 2.08 -2.24 24.28
C THR D 117 1.95 -3.33 23.23
N SER D 118 0.81 -3.33 22.56
CA SER D 118 0.41 -4.46 21.74
C SER D 118 1.35 -4.73 20.57
N LYS D 119 1.43 -6.00 20.22
CA LYS D 119 2.16 -6.43 19.04
C LYS D 119 1.35 -6.21 17.77
N LYS D 120 0.07 -5.90 17.94
CA LYS D 120 -0.84 -5.62 16.83
C LYS D 120 -0.95 -4.11 16.60
N ARG D 121 -0.63 -3.68 15.39
CA ARG D 121 -0.51 -2.26 15.07
C ARG D 121 -1.32 -1.92 13.82
N ASP D 122 -1.96 -0.75 13.81
CA ASP D 122 -2.65 -0.25 12.64
C ASP D 122 -1.82 0.84 11.98
N VAL D 123 -1.66 0.76 10.67
CA VAL D 123 -0.80 1.69 9.93
C VAL D 123 -1.60 2.38 8.86
N LYS D 124 -1.58 3.70 8.82
CA LYS D 124 -2.21 4.43 7.70
C LYS D 124 -1.18 4.66 6.61
N VAL D 125 -1.48 4.19 5.41
CA VAL D 125 -0.64 4.40 4.24
C VAL D 125 -1.38 5.29 3.25
N VAL D 126 -0.66 6.20 2.61
CA VAL D 126 -1.23 7.02 1.57
C VAL D 126 -0.23 7.09 0.44
N GLY D 127 -0.72 7.13 -0.80
CA GLY D 127 0.16 7.12 -1.94
C GLY D 127 -0.14 8.26 -2.88
N HIS D 128 0.91 8.91 -3.38
CA HIS D 128 0.73 9.97 -4.38
C HIS D 128 1.51 9.72 -5.67
N VAL D 129 0.98 10.18 -6.80
CA VAL D 129 1.78 10.33 -7.99
C VAL D 129 1.81 11.82 -8.24
N LYS D 130 2.99 12.41 -8.14
CA LYS D 130 3.12 13.88 -8.14
C LYS D 130 2.27 14.43 -7.00
N GLU D 131 1.31 15.30 -7.33
CA GLU D 131 0.50 15.89 -6.29
C GLU D 131 -0.87 15.23 -6.10
N ILE D 132 -1.11 14.13 -6.81
CA ILE D 132 -2.42 13.45 -6.80
C ILE D 132 -2.47 12.27 -5.85
N LYS D 133 -3.39 12.31 -4.88
CA LYS D 133 -3.63 11.18 -4.00
C LYS D 133 -4.26 10.04 -4.78
N PHE D 135 -3.94 6.53 -3.66
CA PHE D 135 -4.15 5.38 -2.81
C PHE D 135 -4.25 5.76 -1.35
N GLU D 136 -5.16 5.13 -0.64
CA GLU D 136 -5.26 5.33 0.78
C GLU D 136 -5.62 3.99 1.42
N GLY D 137 -5.02 3.68 2.57
CA GLY D 137 -5.28 2.37 3.18
C GLY D 137 -4.85 2.25 4.62
N THR D 138 -5.50 1.35 5.35
CA THR D 138 -5.07 0.95 6.68
C THR D 138 -4.63 -0.51 6.66
N ILE D 139 -3.44 -0.78 7.18
CA ILE D 139 -2.90 -2.12 7.18
C ILE D 139 -2.56 -2.54 8.61
N GLN D 140 -2.98 -3.74 8.98
CA GLN D 140 -2.71 -4.22 10.33
C GLN D 140 -1.50 -5.12 10.35
N VAL D 141 -0.47 -4.71 11.08
CA VAL D 141 0.74 -5.47 11.19
C VAL D 141 0.81 -6.10 12.58
N VAL D 142 1.25 -7.34 12.65
CA VAL D 142 1.49 -8.01 13.92
C VAL D 142 2.93 -8.52 13.96
N SER D 143 3.64 -8.33 15.06
CA SER D 143 4.96 -8.91 15.12
C SER D 143 5.10 -9.96 16.23
N THR D 144 6.18 -10.70 16.19
CA THR D 144 6.37 -11.73 17.19
C THR D 144 7.81 -11.64 17.66
N ASP D 145 8.14 -12.27 18.77
CA ASP D 145 9.51 -12.25 19.27
C ASP D 145 10.38 -13.17 18.40
N GLU D 146 9.74 -14.22 17.88
CA GLU D 146 10.39 -15.24 17.06
C GLU D 146 9.69 -15.39 15.71
N HIS D 147 10.40 -15.96 14.75
CA HIS D 147 9.78 -16.21 13.46
C HIS D 147 8.47 -16.95 13.62
N ILE D 148 7.43 -16.40 13.01
CA ILE D 148 6.13 -17.04 12.92
C ILE D 148 6.11 -18.52 12.49
N PHE D 149 7.13 -19.01 11.78
CA PHE D 149 7.17 -20.45 11.43
C PHE D 149 7.71 -21.32 12.59
N LYS D 150 8.52 -20.71 13.46
CA LYS D 150 9.02 -21.48 14.60
C LYS D 150 7.89 -21.83 15.55
N LEU E 9 23.70 31.65 -20.33
CA LEU E 9 23.76 31.15 -21.74
C LEU E 9 22.44 31.34 -22.51
N GLU E 10 21.32 31.43 -21.79
CA GLU E 10 20.14 32.07 -22.36
C GLU E 10 20.41 33.60 -22.41
N GLU E 11 21.23 33.97 -23.39
CA GLU E 11 21.50 35.36 -23.77
C GLU E 11 21.16 35.47 -25.26
N TYR E 12 20.25 34.59 -25.69
CA TYR E 12 19.70 34.62 -27.03
C TYR E 12 18.23 35.02 -26.92
N ALA E 13 17.77 35.15 -25.67
CA ALA E 13 16.41 35.59 -25.36
C ALA E 13 16.38 36.01 -23.90
N SER E 14 15.25 36.49 -23.42
CA SER E 14 15.20 37.03 -22.06
C SER E 14 14.14 36.40 -21.16
N ALA E 15 13.25 37.24 -20.63
CA ALA E 15 12.10 36.78 -19.88
C ALA E 15 10.95 36.81 -20.87
N GLU E 16 11.16 37.69 -21.90
CA GLU E 16 10.26 37.74 -23.03
C GLU E 16 10.52 36.43 -23.77
N ASP E 17 9.86 35.39 -23.27
CA ASP E 17 10.25 34.01 -23.48
C ASP E 17 9.47 33.18 -22.50
N ILE E 18 9.96 33.16 -21.27
CA ILE E 18 9.26 32.55 -20.13
C ILE E 18 7.76 32.70 -20.33
N SER E 19 7.33 33.95 -20.50
CA SER E 19 5.95 34.23 -20.85
C SER E 19 5.73 33.82 -22.30
N ARG E 20 6.10 34.70 -23.22
CA ARG E 20 5.81 34.50 -24.63
C ARG E 20 5.79 33.02 -24.96
N VAL E 21 6.71 32.26 -24.36
CA VAL E 21 6.90 30.86 -24.71
C VAL E 21 6.06 29.91 -23.89
N ARG E 22 6.56 29.54 -22.71
CA ARG E 22 6.07 28.36 -22.01
C ARG E 22 4.57 28.46 -21.70
N ALA E 23 4.11 29.67 -21.42
CA ALA E 23 2.68 29.88 -21.16
C ALA E 23 1.81 29.49 -22.36
N GLU E 24 2.30 29.76 -23.57
CA GLU E 24 1.47 29.55 -24.76
C GLU E 24 1.71 28.26 -25.53
N LEU E 25 2.96 27.83 -25.71
CA LEU E 25 3.06 26.62 -26.52
C LEU E 25 2.39 25.44 -25.82
N LEU E 26 1.67 24.65 -26.60
CA LEU E 26 0.84 23.57 -26.09
C LEU E 26 1.41 22.22 -26.48
N THR E 27 2.39 22.23 -27.38
CA THR E 27 2.95 20.98 -27.83
C THR E 27 4.11 20.50 -26.95
N CYS E 28 4.27 19.17 -26.88
CA CYS E 28 5.35 18.54 -26.12
C CYS E 28 5.52 19.14 -24.72
N PRO E 29 4.43 19.24 -23.96
CA PRO E 29 4.54 19.96 -22.68
C PRO E 29 5.57 19.38 -21.73
N GLU E 30 5.91 18.11 -21.91
CA GLU E 30 6.76 17.41 -20.95
C GLU E 30 8.16 17.11 -21.49
N LEU E 31 8.45 17.60 -22.70
CA LEU E 31 9.72 17.32 -23.35
C LEU E 31 10.90 17.83 -22.55
N ASN E 32 11.96 17.03 -22.46
CA ASN E 32 13.16 17.51 -21.80
C ASN E 32 13.88 18.57 -22.62
N THR E 33 13.72 19.83 -22.25
CA THR E 33 14.26 20.90 -23.05
C THR E 33 15.78 21.02 -22.99
N SER E 34 16.42 20.24 -22.13
CA SER E 34 17.87 20.30 -22.10
C SER E 34 18.49 19.38 -23.13
N LEU E 35 17.65 18.59 -23.79
CA LEU E 35 18.11 17.70 -24.84
C LEU E 35 17.54 18.10 -26.20
N ALA E 36 16.44 18.82 -26.21
CA ALA E 36 15.81 19.20 -27.48
C ALA E 36 15.83 20.73 -27.71
N GLY E 37 16.31 21.47 -26.72
CA GLY E 37 16.41 22.90 -26.87
C GLY E 37 15.21 23.61 -26.28
N THR E 38 15.24 24.92 -26.38
CA THR E 38 14.21 25.73 -25.77
C THR E 38 13.61 26.61 -26.86
N ILE E 39 12.29 26.70 -26.92
CA ILE E 39 11.71 27.54 -27.94
C ILE E 39 11.68 28.96 -27.40
N ILE E 40 12.07 29.91 -28.25
CA ILE E 40 12.31 31.28 -27.78
C ILE E 40 11.44 32.31 -28.48
N GLU E 41 10.71 31.86 -29.50
CA GLU E 41 9.83 32.74 -30.25
C GLU E 41 8.78 31.88 -30.96
N ILE E 42 7.53 32.32 -30.95
CA ILE E 42 6.44 31.58 -31.55
C ILE E 42 5.46 32.55 -32.18
N ASP E 43 4.81 32.12 -33.27
CA ASP E 43 3.83 32.94 -33.96
C ASP E 43 3.08 31.99 -34.88
N LYS E 44 2.03 32.47 -35.53
CA LYS E 44 1.33 31.68 -36.54
C LYS E 44 2.32 31.08 -37.54
N ASN E 45 2.36 29.76 -37.65
CA ASN E 45 3.19 29.12 -38.67
C ASN E 45 4.69 29.35 -38.50
N TYR E 46 5.11 29.76 -37.31
CA TYR E 46 6.49 30.13 -37.11
C TYR E 46 6.99 29.86 -35.69
N ALA E 47 8.23 29.42 -35.59
CA ALA E 47 8.85 29.25 -34.29
C ALA E 47 10.37 29.36 -34.38
N LYS E 48 11.00 29.79 -33.30
CA LYS E 48 12.46 29.86 -33.25
C LYS E 48 12.93 29.19 -31.96
N SER E 49 14.04 28.47 -32.02
CA SER E 49 14.57 27.80 -30.83
C SER E 49 16.09 27.84 -30.75
N ILE E 50 16.59 27.46 -29.60
CA ILE E 50 18.02 27.40 -29.36
C ILE E 50 18.36 26.06 -28.73
N LEU E 51 19.41 25.43 -29.21
CA LEU E 51 19.92 24.26 -28.56
C LEU E 51 21.36 24.53 -28.12
N ILE E 52 21.56 24.52 -26.81
CA ILE E 52 22.88 24.62 -26.24
C ILE E 52 23.42 23.20 -26.09
N THR E 53 24.51 22.88 -26.79
CA THR E 53 25.07 21.53 -26.78
C THR E 53 25.65 21.20 -25.42
N THR E 54 25.43 19.99 -24.94
CA THR E 54 25.97 19.59 -23.63
C THR E 54 26.72 18.27 -23.69
N SER E 55 27.45 17.95 -22.65
CA SER E 55 28.24 16.74 -22.63
C SER E 55 27.36 15.49 -22.67
N GLU E 56 26.06 15.66 -22.48
CA GLU E 56 25.14 14.50 -22.55
C GLU E 56 24.85 14.08 -24.00
N VAL E 58 27.27 14.00 -26.56
CA VAL E 58 28.45 13.69 -27.35
C VAL E 58 28.48 12.27 -27.82
N ALA E 59 29.04 12.07 -29.01
CA ALA E 59 29.21 10.77 -29.57
C ALA E 59 30.60 10.24 -29.21
N ASP E 60 31.53 11.13 -28.93
CA ASP E 60 32.89 10.70 -28.65
C ASP E 60 33.60 11.62 -27.64
N ASP E 61 34.86 11.31 -27.32
CA ASP E 61 35.62 12.12 -26.36
C ASP E 61 36.31 13.30 -27.03
N GLN E 62 35.92 13.63 -28.25
CA GLN E 62 36.50 14.78 -28.94
C GLN E 62 35.50 15.92 -29.04
N GLY E 63 34.32 15.76 -28.41
CA GLY E 63 33.32 16.82 -28.42
C GLY E 63 32.35 16.79 -29.59
N LEU E 64 32.41 15.72 -30.38
CA LEU E 64 31.49 15.61 -31.50
C LEU E 64 30.08 15.33 -30.96
N ILE E 65 29.11 16.10 -31.44
CA ILE E 65 27.72 15.97 -30.98
C ILE E 65 27.01 14.98 -31.89
N PHE E 66 26.33 14.02 -31.28
CA PHE E 66 25.53 13.04 -32.01
C PHE E 66 24.49 13.80 -32.86
N ASP E 67 24.41 13.47 -34.14
CA ASP E 67 23.54 14.18 -35.07
C ASP E 67 22.04 14.22 -34.68
N ALA E 68 21.56 13.16 -34.04
CA ALA E 68 20.14 13.06 -33.71
C ALA E 68 19.70 14.21 -32.82
N PHE E 69 20.62 14.77 -32.04
CA PHE E 69 20.21 15.85 -31.15
C PHE E 69 19.88 17.08 -31.96
N ILE E 70 20.49 17.22 -33.13
CA ILE E 70 20.14 18.33 -33.97
C ILE E 70 18.75 18.04 -34.50
N PHE E 71 18.55 16.80 -34.90
CA PHE E 71 17.23 16.39 -35.35
C PHE E 71 16.22 16.62 -34.25
N ALA E 72 16.57 16.27 -33.02
CA ALA E 72 15.65 16.48 -31.90
C ALA E 72 15.21 17.94 -31.84
N ALA E 73 16.18 18.84 -31.92
CA ALA E 73 15.83 20.24 -31.81
C ALA E 73 14.95 20.63 -33.00
N ALA E 74 15.26 20.12 -34.18
CA ALA E 74 14.45 20.48 -35.34
C ALA E 74 13.02 19.92 -35.18
N ASN E 75 12.93 18.73 -34.62
CA ASN E 75 11.65 18.07 -34.38
C ASN E 75 10.79 18.96 -33.46
N TYR E 76 11.40 19.49 -32.42
CA TYR E 76 10.70 20.24 -31.41
C TYR E 76 10.20 21.57 -31.94
N VAL E 77 11.10 22.32 -32.60
CA VAL E 77 10.73 23.63 -33.13
C VAL E 77 9.74 23.54 -34.28
N ALA E 78 9.84 22.48 -35.07
CA ALA E 78 8.87 22.22 -36.12
C ALA E 78 7.48 22.06 -35.50
N GLN E 79 7.37 21.28 -34.44
CA GLN E 79 6.09 21.12 -33.78
C GLN E 79 5.63 22.42 -33.13
N ALA E 80 6.58 23.20 -32.66
CA ALA E 80 6.25 24.46 -32.03
C ALA E 80 5.65 25.42 -33.05
N SER E 81 6.06 25.31 -34.32
CA SER E 81 5.59 26.24 -35.34
C SER E 81 4.11 26.03 -35.69
N ILE E 82 3.59 24.83 -35.42
CA ILE E 82 2.15 24.64 -35.59
C ILE E 82 1.42 24.70 -34.26
N ASN E 83 2.12 24.37 -33.18
CA ASN E 83 1.59 24.52 -31.81
C ASN E 83 0.18 23.98 -31.54
N LYS E 84 -0.05 22.72 -31.89
CA LYS E 84 -1.31 22.08 -31.58
C LYS E 84 -1.11 21.14 -30.39
N GLU E 85 -2.13 21.01 -29.57
CA GLU E 85 -2.04 20.21 -28.36
C GLU E 85 -1.70 18.74 -28.63
N PHE E 86 -2.29 18.19 -29.71
CA PHE E 86 -2.04 16.80 -30.05
C PHE E 86 -1.49 16.67 -31.45
N SER E 87 -0.18 16.49 -31.53
CA SER E 87 0.52 16.46 -32.78
C SER E 87 1.62 15.42 -32.70
N VAL E 88 2.02 14.97 -33.88
CA VAL E 88 3.04 13.96 -34.01
C VAL E 88 3.76 14.28 -35.32
N ILE E 89 5.02 13.88 -35.47
CA ILE E 89 5.62 13.94 -36.81
C ILE E 89 5.51 12.60 -37.53
N ILE E 90 5.31 12.62 -38.83
CA ILE E 90 5.12 11.37 -39.55
C ILE E 90 6.16 11.12 -40.65
N GLY E 91 6.99 12.11 -40.91
CA GLY E 91 8.05 11.98 -41.92
C GLY E 91 9.04 13.14 -41.87
N SER E 92 10.25 12.91 -42.38
CA SER E 92 11.19 13.98 -42.43
C SER E 92 12.23 13.75 -43.51
N LYS E 93 12.78 14.85 -44.04
CA LYS E 93 13.89 14.84 -44.99
C LYS E 93 14.92 15.90 -44.55
N CYS E 94 16.08 15.45 -44.08
CA CYS E 94 17.05 16.37 -43.52
C CYS E 94 18.43 16.31 -44.16
N PHE E 95 19.09 17.46 -44.17
CA PHE E 95 20.48 17.57 -44.58
C PHE E 95 21.28 18.07 -43.39
N PHE E 96 22.33 17.35 -43.03
CA PHE E 96 23.22 17.79 -41.95
C PHE E 96 24.52 18.21 -42.62
N TYR E 97 24.71 19.52 -42.82
CA TYR E 97 25.85 20.00 -43.61
C TYR E 97 27.17 19.89 -42.89
N ALA E 98 27.11 19.95 -41.56
CA ALA E 98 28.32 19.89 -40.72
C ALA E 98 27.92 19.50 -39.31
N PRO E 99 28.76 18.72 -38.63
CA PRO E 99 28.37 18.32 -37.29
C PRO E 99 28.64 19.43 -36.30
N LEU E 100 27.88 19.45 -35.21
CA LEU E 100 28.15 20.38 -34.12
C LEU E 100 29.27 19.91 -33.22
N LYS E 101 29.91 20.87 -32.55
CA LYS E 101 30.99 20.60 -31.61
C LYS E 101 30.54 21.07 -30.26
N LEU E 102 30.83 20.30 -29.22
CA LEU E 102 30.46 20.67 -27.86
C LEU E 102 30.86 22.12 -27.57
N GLY E 103 29.92 22.90 -27.05
CA GLY E 103 30.15 24.32 -26.82
C GLY E 103 29.44 25.18 -27.84
N ASP E 104 29.07 24.60 -28.97
CA ASP E 104 28.32 25.32 -29.98
C ASP E 104 26.90 25.53 -29.50
N VAL E 105 26.30 26.66 -29.86
CA VAL E 105 24.86 26.79 -29.71
C VAL E 105 24.17 26.89 -31.07
N LEU E 106 23.19 26.03 -31.29
CA LEU E 106 22.47 25.95 -32.55
C LEU E 106 21.23 26.83 -32.49
N GLU E 107 21.02 27.62 -33.52
CA GLU E 107 19.84 28.47 -33.60
C GLU E 107 18.92 27.95 -34.71
N LEU E 108 17.72 27.54 -34.36
CA LEU E 108 16.79 26.99 -35.33
C LEU E 108 15.62 27.91 -35.63
N GLU E 109 15.21 27.92 -36.89
CA GLU E 109 14.01 28.63 -37.30
C GLU E 109 13.11 27.67 -38.06
N ALA E 110 11.81 27.73 -37.81
CA ALA E 110 10.85 26.84 -38.46
C ALA E 110 9.72 27.62 -39.12
N HIS E 111 9.44 27.32 -40.38
CA HIS E 111 8.32 27.95 -41.10
C HIS E 111 7.40 26.88 -41.65
N ALA E 112 6.14 26.93 -41.25
CA ALA E 112 5.15 25.98 -41.72
C ALA E 112 4.55 26.48 -43.02
N LEU E 113 4.47 25.62 -44.02
CA LEU E 113 3.90 26.05 -45.31
C LEU E 113 2.41 26.28 -45.13
N PHE E 114 1.96 27.40 -45.70
CA PHE E 114 0.64 27.98 -45.52
C PHE E 114 -0.51 27.01 -45.75
N ASP E 115 -1.21 26.69 -44.67
CA ASP E 115 -2.35 25.77 -44.75
C ASP E 115 -3.20 25.81 -43.49
N GLU E 116 -4.51 25.90 -43.68
CA GLU E 116 -5.44 25.95 -42.57
C GLU E 116 -6.46 24.84 -42.80
N THR E 117 -6.32 24.19 -43.95
CA THR E 117 -7.28 23.23 -44.45
C THR E 117 -6.87 21.80 -44.09
N SER E 118 -5.59 21.60 -43.76
CA SER E 118 -5.07 20.25 -43.57
C SER E 118 -4.49 20.01 -42.16
N LYS E 119 -4.80 18.85 -41.61
CA LYS E 119 -4.17 18.43 -40.36
C LYS E 119 -2.71 18.08 -40.62
N LYS E 120 -2.40 17.78 -41.87
CA LYS E 120 -1.04 17.43 -42.25
C LYS E 120 -0.31 18.67 -42.78
N ARG E 121 0.84 18.98 -42.21
CA ARG E 121 1.54 20.20 -42.59
C ARG E 121 3.05 19.99 -42.75
N ASP E 122 3.62 20.67 -43.73
CA ASP E 122 5.06 20.62 -44.01
C ASP E 122 5.75 21.80 -43.37
N VAL E 123 6.85 21.55 -42.66
CA VAL E 123 7.57 22.59 -41.96
C VAL E 123 9.01 22.64 -42.44
N LYS E 124 9.45 23.81 -42.90
CA LYS E 124 10.88 23.98 -43.21
C LYS E 124 11.64 24.42 -41.98
N VAL E 125 12.65 23.63 -41.60
CA VAL E 125 13.55 24.04 -40.51
C VAL E 125 14.95 24.27 -41.04
N VAL E 126 15.59 25.30 -40.49
CA VAL E 126 16.97 25.61 -40.84
C VAL E 126 17.74 25.91 -39.55
N GLY E 127 18.98 25.44 -39.45
CA GLY E 127 19.77 25.63 -38.24
C GLY E 127 21.08 26.33 -38.51
N HIS E 128 21.47 27.22 -37.63
CA HIS E 128 22.72 27.95 -37.78
C HIS E 128 23.57 27.81 -36.54
N VAL E 129 24.88 27.85 -36.73
CA VAL E 129 25.80 28.06 -35.62
C VAL E 129 26.52 29.33 -35.98
N LYS E 130 26.28 30.38 -35.19
CA LYS E 130 26.72 31.71 -35.56
C LYS E 130 26.15 32.02 -36.96
N GLU E 131 26.98 32.31 -37.94
CA GLU E 131 26.44 32.66 -39.24
C GLU E 131 26.44 31.53 -40.25
N ILE E 132 26.71 30.32 -39.78
CA ILE E 132 26.94 29.24 -40.72
C ILE E 132 25.78 28.26 -40.67
N LYS E 133 25.15 28.06 -41.82
CA LYS E 133 24.00 27.17 -41.93
C LYS E 133 24.49 25.74 -41.90
N PHE E 135 22.31 22.96 -40.88
CA PHE E 135 21.24 22.02 -40.98
C PHE E 135 20.05 22.58 -41.76
N GLU E 136 19.43 21.74 -42.58
CA GLU E 136 18.24 22.11 -43.30
C GLU E 136 17.35 20.89 -43.40
N GLY E 137 16.06 21.06 -43.18
CA GLY E 137 15.13 19.92 -43.20
C GLY E 137 13.68 20.27 -43.41
N THR E 138 12.90 19.32 -43.91
CA THR E 138 11.46 19.48 -43.98
C THR E 138 10.87 18.40 -43.11
N ILE E 139 9.94 18.77 -42.24
CA ILE E 139 9.34 17.82 -41.31
C ILE E 139 7.83 17.85 -41.46
N GLN E 140 7.21 16.68 -41.53
CA GLN E 140 5.77 16.64 -41.71
C GLN E 140 5.10 16.41 -40.38
N VAL E 141 4.30 17.37 -39.95
CA VAL E 141 3.55 17.26 -38.71
C VAL E 141 2.08 16.97 -39.02
N VAL E 142 1.49 16.04 -38.26
CA VAL E 142 0.03 15.88 -38.31
C VAL E 142 -0.55 16.10 -36.92
N SER E 143 -1.64 16.82 -36.84
CA SER E 143 -2.32 17.02 -35.57
C SER E 143 -3.66 16.32 -35.60
N THR E 144 -4.32 16.28 -34.45
CA THR E 144 -5.62 15.61 -34.33
C THR E 144 -6.44 16.32 -33.26
N ASP E 145 -7.74 16.12 -33.26
CA ASP E 145 -8.57 16.81 -32.28
C ASP E 145 -8.54 16.14 -30.91
N GLU E 146 -8.01 14.92 -30.85
CA GLU E 146 -7.85 14.22 -29.59
C GLU E 146 -6.49 13.58 -29.64
N HIS E 147 -5.98 13.17 -28.48
CA HIS E 147 -4.68 12.53 -28.35
C HIS E 147 -4.64 11.23 -29.14
N ILE E 148 -3.57 11.07 -29.93
CA ILE E 148 -3.41 9.95 -30.82
C ILE E 148 -3.55 8.57 -30.18
N PHE E 149 -3.63 8.48 -28.86
CA PHE E 149 -3.74 7.17 -28.24
C PHE E 149 -5.19 6.79 -28.01
N LYS E 150 -6.10 7.74 -28.24
CA LYS E 150 -7.53 7.51 -28.08
C LYS E 150 -8.36 8.13 -29.21
N LEU F 9 14.92 -5.06 -19.90
CA LEU F 9 16.26 -5.66 -20.15
C LEU F 9 16.25 -6.49 -21.44
N GLU F 10 17.42 -6.84 -21.98
CA GLU F 10 17.45 -7.74 -23.13
C GLU F 10 16.94 -9.13 -22.80
N GLU F 11 15.90 -9.50 -23.53
CA GLU F 11 15.46 -10.87 -23.71
C GLU F 11 15.39 -11.04 -25.22
N TYR F 12 16.38 -10.43 -25.89
CA TYR F 12 16.49 -10.42 -27.35
C TYR F 12 17.84 -11.00 -27.75
N GLU F 16 26.02 -11.47 -23.17
CA GLU F 16 27.39 -11.90 -23.43
C GLU F 16 27.81 -11.41 -24.81
N ASP F 17 27.10 -11.86 -25.83
CA ASP F 17 27.36 -11.44 -27.20
C ASP F 17 27.02 -9.96 -27.40
N ILE F 18 26.21 -9.39 -26.51
CA ILE F 18 26.13 -7.94 -26.42
C ILE F 18 27.52 -7.42 -26.09
N SER F 19 28.01 -7.74 -24.89
CA SER F 19 29.30 -7.24 -24.45
C SER F 19 30.48 -7.80 -25.26
N ARG F 20 30.18 -8.32 -26.46
CA ARG F 20 31.16 -8.44 -27.52
C ARG F 20 31.06 -7.16 -28.32
N VAL F 21 29.89 -7.00 -28.95
CA VAL F 21 29.62 -5.87 -29.81
C VAL F 21 30.34 -4.64 -29.31
N ARG F 22 30.07 -4.23 -28.08
CA ARG F 22 30.81 -3.10 -27.50
C ARG F 22 32.25 -3.08 -28.01
N ALA F 23 32.98 -4.16 -27.81
CA ALA F 23 34.40 -4.14 -28.13
C ALA F 23 34.68 -4.41 -29.60
N GLU F 24 33.65 -4.33 -30.42
CA GLU F 24 33.84 -4.45 -31.87
C GLU F 24 33.30 -3.23 -32.64
N LEU F 25 32.28 -2.58 -32.13
CA LEU F 25 31.85 -1.37 -32.81
C LEU F 25 32.85 -0.26 -32.51
N LEU F 26 33.17 0.53 -33.53
CA LEU F 26 34.10 1.63 -33.39
C LEU F 26 33.30 2.91 -33.17
N THR F 27 32.25 3.08 -33.96
CA THR F 27 31.42 4.29 -33.94
C THR F 27 30.96 4.68 -32.56
N CYS F 28 30.78 5.98 -32.38
CA CYS F 28 30.04 6.54 -31.24
C CYS F 28 30.43 5.91 -29.91
N PRO F 29 31.73 5.79 -29.66
CA PRO F 29 32.19 5.13 -28.43
C PRO F 29 31.60 5.71 -27.14
N GLU F 30 31.24 6.99 -27.14
CA GLU F 30 30.79 7.61 -25.90
C GLU F 30 29.30 7.93 -25.88
N LEU F 31 28.57 7.46 -26.89
CA LEU F 31 27.13 7.72 -27.01
C LEU F 31 26.36 7.22 -25.79
N ASN F 32 25.42 8.02 -25.29
CA ASN F 32 24.60 7.54 -24.21
C ASN F 32 23.59 6.46 -24.67
N THR F 33 23.87 5.21 -24.36
CA THR F 33 23.08 4.12 -24.92
C THR F 33 21.70 3.99 -24.29
N SER F 34 21.46 4.76 -23.24
CA SER F 34 20.14 4.76 -22.63
C SER F 34 19.19 5.71 -23.33
N LEU F 35 19.71 6.52 -24.24
CA LEU F 35 18.87 7.41 -25.04
C LEU F 35 18.85 7.01 -26.51
N ALA F 36 19.84 6.24 -26.95
CA ALA F 36 19.92 5.90 -28.36
C ALA F 36 19.76 4.41 -28.59
N GLY F 37 19.76 3.63 -27.53
CA GLY F 37 19.57 2.20 -27.65
C GLY F 37 20.90 1.49 -27.59
N THR F 38 20.83 0.17 -27.66
CA THR F 38 22.00 -0.67 -27.53
C THR F 38 22.13 -1.55 -28.78
N ILE F 39 23.34 -1.63 -29.34
CA ILE F 39 23.58 -2.46 -30.49
C ILE F 39 23.72 -3.90 -30.03
N ILE F 40 22.98 -4.81 -30.65
CA ILE F 40 22.96 -6.18 -30.17
C ILE F 40 23.44 -7.18 -31.19
N GLU F 41 23.78 -6.70 -32.39
CA GLU F 41 24.28 -7.58 -33.42
C GLU F 41 24.93 -6.74 -34.52
N ILE F 42 26.07 -7.20 -35.02
CA ILE F 42 26.81 -6.42 -35.99
C ILE F 42 27.50 -7.38 -36.96
N ASP F 43 27.67 -6.92 -38.20
CA ASP F 43 28.33 -7.70 -39.24
C ASP F 43 28.68 -6.74 -40.37
N LYS F 44 29.36 -7.21 -41.39
CA LYS F 44 29.60 -6.35 -42.54
C LYS F 44 28.29 -5.80 -43.07
N ASN F 45 28.18 -4.49 -43.17
CA ASN F 45 27.02 -3.86 -43.79
C ASN F 45 25.72 -4.06 -43.03
N TYR F 46 25.83 -4.47 -41.78
CA TYR F 46 24.65 -4.89 -41.03
C TYR F 46 24.76 -4.61 -39.54
N ALA F 47 23.62 -4.23 -38.94
CA ALA F 47 23.55 -4.06 -37.49
C ALA F 47 22.11 -4.08 -37.00
N LYS F 48 21.94 -4.50 -35.76
CA LYS F 48 20.62 -4.66 -35.17
C LYS F 48 20.69 -4.07 -33.79
N SER F 49 19.67 -3.32 -33.38
CA SER F 49 19.68 -2.69 -32.07
C SER F 49 18.32 -2.67 -31.40
N ILE F 50 18.29 -2.35 -30.12
CA ILE F 50 17.02 -2.24 -29.45
C ILE F 50 16.97 -0.98 -28.61
N LEU F 51 15.83 -0.31 -28.62
CA LEU F 51 15.62 0.86 -27.81
C LEU F 51 14.51 0.59 -26.84
N ILE F 52 14.85 0.61 -25.56
CA ILE F 52 13.85 0.51 -24.54
C ILE F 52 13.42 1.93 -24.20
N THR F 53 12.15 2.24 -24.43
CA THR F 53 11.66 3.59 -24.17
C THR F 53 11.66 3.88 -22.66
N THR F 54 12.05 5.09 -22.29
CA THR F 54 12.10 5.45 -20.87
C THR F 54 11.39 6.77 -20.64
N SER F 55 11.12 7.05 -19.38
CA SER F 55 10.42 8.26 -18.97
C SER F 55 11.20 9.51 -19.35
N GLU F 56 12.46 9.34 -19.71
CA GLU F 56 13.28 10.49 -20.11
C GLU F 56 13.02 10.94 -21.56
N VAL F 58 9.76 11.06 -22.95
CA VAL F 58 8.35 11.38 -23.16
C VAL F 58 8.18 12.82 -23.63
N ALA F 59 7.18 13.05 -24.48
CA ALA F 59 6.82 14.42 -24.84
C ALA F 59 5.66 14.94 -23.99
N ASP F 60 5.00 14.03 -23.28
CA ASP F 60 3.68 14.18 -22.70
C ASP F 60 3.59 13.50 -21.36
N ASP F 61 2.53 13.81 -20.61
CA ASP F 61 2.20 12.98 -19.44
C ASP F 61 1.27 11.81 -19.77
N GLN F 62 1.13 11.50 -21.06
CA GLN F 62 0.32 10.35 -21.44
C GLN F 62 1.20 9.20 -21.98
N GLY F 63 2.52 9.38 -21.94
CA GLY F 63 3.43 8.31 -22.33
C GLY F 63 3.90 8.34 -23.76
N LEU F 64 3.55 9.40 -24.48
CA LEU F 64 3.94 9.55 -25.87
C LEU F 64 5.42 9.85 -25.94
N ILE F 65 6.12 9.09 -26.77
CA ILE F 65 7.55 9.23 -26.87
C ILE F 65 7.88 10.21 -28.00
N PHE F 66 8.72 11.19 -27.71
CA PHE F 66 9.15 12.17 -28.69
C PHE F 66 9.82 11.42 -29.82
N ASP F 67 9.41 11.73 -31.05
CA ASP F 67 9.85 10.95 -32.24
C ASP F 67 11.36 10.94 -32.44
N ALA F 68 12.03 12.03 -32.07
CA ALA F 68 13.46 12.12 -32.34
C ALA F 68 14.23 11.02 -31.65
N PHE F 69 13.67 10.41 -30.62
CA PHE F 69 14.37 9.30 -29.99
C PHE F 69 14.36 8.08 -30.87
N ILE F 70 13.35 7.92 -31.69
CA ILE F 70 13.44 6.78 -32.54
C ILE F 70 14.45 7.13 -33.63
N PHE F 71 14.47 8.39 -34.05
CA PHE F 71 15.48 8.82 -35.00
C PHE F 71 16.88 8.57 -34.41
N ALA F 72 17.04 8.94 -33.14
CA ALA F 72 18.32 8.72 -32.48
C ALA F 72 18.74 7.26 -32.64
N ALA F 73 17.83 6.35 -32.31
CA ALA F 73 18.12 4.93 -32.39
C ALA F 73 18.51 4.53 -33.80
N ALA F 74 17.80 5.06 -34.79
CA ALA F 74 18.08 4.76 -36.20
C ALA F 74 19.43 5.31 -36.58
N ASN F 75 19.75 6.46 -36.03
CA ASN F 75 20.97 7.14 -36.36
C ASN F 75 22.13 6.29 -35.86
N TYR F 76 21.98 5.73 -34.68
CA TYR F 76 23.04 4.95 -34.07
C TYR F 76 23.23 3.63 -34.80
N VAL F 77 22.13 2.92 -35.06
CA VAL F 77 22.22 1.58 -35.69
C VAL F 77 22.74 1.71 -37.11
N ALA F 78 22.39 2.80 -37.77
CA ALA F 78 22.85 3.03 -39.13
C ALA F 78 24.37 3.14 -39.11
N GLN F 79 24.90 3.92 -38.18
CA GLN F 79 26.33 4.07 -38.08
C GLN F 79 27.00 2.79 -37.67
N ALA F 80 26.35 1.99 -36.85
CA ALA F 80 26.90 0.70 -36.46
C ALA F 80 27.00 -0.25 -37.64
N SER F 81 26.11 -0.09 -38.61
CA SER F 81 26.13 -0.95 -39.81
C SER F 81 27.41 -0.77 -40.65
N ILE F 82 28.00 0.42 -40.56
CA ILE F 82 29.21 0.76 -41.28
C ILE F 82 30.43 0.56 -40.37
N ASN F 83 30.25 0.84 -39.09
CA ASN F 83 31.30 0.66 -38.10
C ASN F 83 32.67 1.22 -38.43
N LYS F 84 32.72 2.48 -38.84
CA LYS F 84 33.99 3.19 -39.00
C LYS F 84 34.26 4.05 -37.77
N GLU F 85 35.53 4.21 -37.43
CA GLU F 85 35.92 4.97 -36.26
C GLU F 85 35.51 6.44 -36.37
N PHE F 86 35.65 7.00 -37.56
CA PHE F 86 35.32 8.41 -37.77
C PHE F 86 34.26 8.55 -38.84
N SER F 87 33.02 8.76 -38.41
CA SER F 87 31.91 8.87 -39.33
C SER F 87 30.92 9.86 -38.79
N VAL F 88 30.07 10.33 -39.69
CA VAL F 88 28.99 11.23 -39.31
C VAL F 88 27.88 10.98 -40.29
N ILE F 89 26.66 11.40 -39.98
CA ILE F 89 25.61 11.30 -40.96
C ILE F 89 25.42 12.67 -41.59
N ILE F 90 25.12 12.70 -42.89
CA ILE F 90 24.96 13.99 -43.58
C ILE F 90 23.59 14.16 -44.21
N GLY F 91 22.74 13.17 -44.08
CA GLY F 91 21.37 13.31 -44.59
C GLY F 91 20.48 12.15 -44.20
N SER F 92 19.18 12.39 -44.16
CA SER F 92 18.24 11.30 -43.92
C SER F 92 16.86 11.55 -44.49
N LYS F 93 16.14 10.47 -44.76
CA LYS F 93 14.75 10.49 -45.18
C LYS F 93 14.00 9.46 -44.36
N CYS F 94 13.12 9.90 -43.47
CA CYS F 94 12.44 8.95 -42.56
C CYS F 94 10.93 9.02 -42.65
N PHE F 95 10.30 7.88 -42.41
CA PHE F 95 8.86 7.82 -42.22
C PHE F 95 8.60 7.25 -40.81
N PHE F 96 7.77 7.94 -40.05
CA PHE F 96 7.39 7.44 -38.75
C PHE F 96 5.93 7.08 -38.85
N TYR F 97 5.66 5.79 -38.94
CA TYR F 97 4.31 5.31 -39.24
C TYR F 97 3.37 5.38 -38.04
N ALA F 98 3.92 5.28 -36.84
CA ALA F 98 3.14 5.38 -35.62
C ALA F 98 4.07 5.78 -34.50
N PRO F 99 3.58 6.54 -33.54
CA PRO F 99 4.45 6.94 -32.44
C PRO F 99 4.56 5.84 -31.41
N LEU F 100 5.73 5.74 -30.78
CA LEU F 100 5.95 4.81 -29.67
C LEU F 100 5.25 5.28 -28.40
N LYS F 101 4.95 4.33 -27.53
CA LYS F 101 4.31 4.56 -26.24
C LYS F 101 5.31 4.11 -25.19
N LEU F 102 5.40 4.84 -24.09
CA LEU F 102 6.31 4.48 -23.02
C LEU F 102 6.06 3.03 -22.60
N GLY F 103 7.12 2.25 -22.49
CA GLY F 103 6.98 0.83 -22.21
C GLY F 103 7.23 -0.04 -23.42
N ASP F 104 7.09 0.54 -24.60
CA ASP F 104 7.41 -0.15 -25.85
C ASP F 104 8.90 -0.39 -25.95
N VAL F 105 9.30 -1.52 -26.50
CA VAL F 105 10.68 -1.64 -26.98
C VAL F 105 10.74 -1.70 -28.50
N LEU F 106 11.57 -0.84 -29.07
CA LEU F 106 11.75 -0.74 -30.51
C LEU F 106 12.90 -1.62 -30.95
N GLU F 107 12.64 -2.46 -31.95
CA GLU F 107 13.69 -3.30 -32.53
C GLU F 107 14.07 -2.76 -33.90
N LEU F 108 15.33 -2.40 -34.09
CA LEU F 108 15.78 -1.80 -35.34
C LEU F 108 16.78 -2.68 -36.08
N GLU F 109 16.71 -2.67 -37.40
CA GLU F 109 17.62 -3.43 -38.22
C GLU F 109 18.14 -2.50 -39.31
N ALA F 110 19.44 -2.54 -39.59
CA ALA F 110 20.05 -1.62 -40.52
C ALA F 110 20.83 -2.40 -41.58
N HIS F 111 20.60 -2.10 -42.86
CA HIS F 111 21.39 -2.72 -43.93
C HIS F 111 22.01 -1.64 -44.79
N ALA F 112 23.33 -1.72 -44.99
CA ALA F 112 24.03 -0.72 -45.78
C ALA F 112 24.10 -1.17 -47.23
N LEU F 113 23.73 -0.30 -48.16
CA LEU F 113 23.82 -0.67 -49.58
C LEU F 113 25.26 -0.92 -49.90
N PHE F 114 25.51 -2.05 -50.54
CA PHE F 114 26.85 -2.59 -50.79
C PHE F 114 27.73 -1.69 -51.66
N ASP F 115 28.55 -0.86 -50.97
CA ASP F 115 29.62 -0.15 -51.65
C ASP F 115 30.93 -0.38 -50.88
N GLU F 116 31.91 -1.00 -51.56
CA GLU F 116 33.19 -1.31 -50.92
C GLU F 116 34.24 -0.16 -51.01
N THR F 117 33.99 0.68 -52.17
CA THR F 117 34.93 1.78 -52.44
C THR F 117 34.60 3.04 -51.65
N SER F 118 33.32 3.40 -51.64
CA SER F 118 32.91 4.76 -51.35
C SER F 118 32.85 5.10 -49.85
N LYS F 119 33.22 6.33 -49.51
CA LYS F 119 33.17 6.75 -48.11
C LYS F 119 31.75 7.19 -47.74
N LYS F 120 30.98 7.54 -48.75
CA LYS F 120 29.57 7.90 -48.62
C LYS F 120 28.70 6.66 -48.79
N ARG F 121 27.88 6.35 -47.81
CA ARG F 121 27.07 5.14 -47.88
C ARG F 121 25.60 5.36 -47.46
N ASP F 122 24.71 4.62 -48.11
CA ASP F 122 23.28 4.67 -47.85
C ASP F 122 22.86 3.50 -46.99
N VAL F 123 22.16 3.77 -45.90
CA VAL F 123 21.74 2.71 -45.01
C VAL F 123 20.23 2.68 -44.88
N LYS F 124 19.62 1.53 -45.11
CA LYS F 124 18.19 1.38 -44.87
C LYS F 124 17.96 0.88 -43.45
N VAL F 125 17.18 1.62 -42.69
CA VAL F 125 16.83 1.21 -41.36
C VAL F 125 15.32 0.98 -41.25
N VAL F 126 14.94 -0.04 -40.51
CA VAL F 126 13.54 -0.31 -40.27
C VAL F 126 13.32 -0.65 -38.80
N GLY F 127 12.22 -0.15 -38.23
CA GLY F 127 11.95 -0.35 -36.79
C GLY F 127 10.63 -1.05 -36.54
N HIS F 128 10.64 -2.00 -35.61
CA HIS F 128 9.41 -2.70 -35.23
C HIS F 128 9.16 -2.59 -33.74
N VAL F 129 7.89 -2.59 -33.38
CA VAL F 129 7.48 -2.81 -32.02
C VAL F 129 6.69 -4.09 -32.08
N LYS F 130 7.23 -5.15 -31.49
CA LYS F 130 6.69 -6.47 -31.66
C LYS F 130 6.61 -6.75 -33.17
N GLU F 131 5.44 -7.03 -33.70
CA GLU F 131 5.39 -7.40 -35.11
C GLU F 131 4.93 -6.27 -36.03
N ILE F 132 4.80 -5.07 -35.48
CA ILE F 132 4.37 -3.94 -36.26
C ILE F 132 5.53 -3.01 -36.72
N LYS F 133 5.65 -2.83 -38.03
CA LYS F 133 6.61 -1.90 -38.60
C LYS F 133 6.21 -0.46 -38.30
N PHE F 135 8.62 2.35 -38.11
CA PHE F 135 9.57 3.30 -38.64
C PHE F 135 10.30 2.73 -39.85
N GLU F 136 10.54 3.58 -40.85
CA GLU F 136 11.35 3.22 -42.02
C GLU F 136 12.19 4.44 -42.42
N GLY F 137 13.46 4.24 -42.74
CA GLY F 137 14.29 5.38 -43.10
C GLY F 137 15.58 5.03 -43.84
N THR F 138 16.06 5.99 -44.64
CA THR F 138 17.36 5.89 -45.27
C THR F 138 18.27 6.93 -44.64
N ILE F 139 19.46 6.52 -44.23
CA ILE F 139 20.39 7.45 -43.61
C ILE F 139 21.71 7.41 -44.36
N GLN F 140 22.26 8.58 -44.66
CA GLN F 140 23.53 8.63 -45.39
C GLN F 140 24.65 8.85 -44.43
N VAL F 141 25.54 7.87 -44.35
CA VAL F 141 26.71 7.92 -43.50
C VAL F 141 27.95 8.24 -44.33
N VAL F 142 28.80 9.13 -43.85
CA VAL F 142 30.06 9.36 -44.54
C VAL F 142 31.19 9.22 -43.54
N SER F 143 32.29 8.64 -43.98
CA SER F 143 33.40 8.45 -43.09
C SER F 143 34.63 9.19 -43.59
N THR F 144 35.62 9.25 -42.72
CA THR F 144 36.68 10.18 -42.87
C THR F 144 37.95 9.47 -42.37
N ASP F 145 39.04 9.60 -43.10
CA ASP F 145 40.31 8.98 -42.69
C ASP F 145 40.67 9.35 -41.26
N GLU F 146 40.37 10.58 -40.88
CA GLU F 146 40.75 11.13 -39.58
C GLU F 146 39.59 11.93 -38.96
N HIS F 147 39.51 11.98 -37.64
CA HIS F 147 38.41 12.67 -37.00
C HIS F 147 38.13 14.02 -37.63
N ILE F 148 36.85 14.29 -37.85
CA ILE F 148 36.44 15.39 -38.71
C ILE F 148 36.81 16.76 -38.20
N PHE F 149 37.31 16.87 -36.96
CA PHE F 149 37.72 18.18 -36.45
C PHE F 149 39.16 18.53 -36.77
N LYS F 150 39.83 17.74 -37.61
CA LYS F 150 41.16 18.11 -38.10
C LYS F 150 41.07 19.14 -39.23
N VAL G 21 -1.06 55.73 0.14
CA VAL G 21 -1.72 54.96 1.23
C VAL G 21 -2.12 53.59 0.66
N ARG G 22 -3.42 53.33 0.60
CA ARG G 22 -3.92 52.11 -0.02
C ARG G 22 -4.24 52.30 -1.52
N ALA G 23 -4.08 53.53 -2.00
CA ALA G 23 -4.31 53.84 -3.40
C ALA G 23 -3.23 53.26 -4.32
N GLU G 24 -2.01 53.12 -3.78
CA GLU G 24 -0.91 52.58 -4.55
C GLU G 24 -0.92 51.07 -4.48
N LEU G 25 -1.36 50.57 -3.34
CA LEU G 25 -1.37 49.14 -3.05
C LEU G 25 -2.24 48.36 -4.03
N LEU G 26 -1.74 47.20 -4.46
CA LEU G 26 -2.45 46.38 -5.44
C LEU G 26 -2.67 44.96 -4.94
N THR G 27 -1.78 44.49 -4.06
CA THR G 27 -1.90 43.12 -3.56
C THR G 27 -3.01 42.96 -2.52
N CYS G 28 -3.67 41.81 -2.55
CA CYS G 28 -4.66 41.48 -1.53
C CYS G 28 -5.72 42.56 -1.37
N PRO G 29 -6.26 43.07 -2.48
CA PRO G 29 -7.18 44.20 -2.36
C PRO G 29 -8.37 43.97 -1.42
N GLU G 30 -8.76 42.71 -1.20
CA GLU G 30 -9.99 42.48 -0.47
C GLU G 30 -9.73 41.84 0.88
N LEU G 31 -8.44 41.76 1.25
CA LEU G 31 -8.03 41.14 2.52
C LEU G 31 -8.65 41.81 3.73
N ASN G 32 -9.14 41.02 4.67
CA ASN G 32 -9.64 41.60 5.90
C ASN G 32 -8.51 42.14 6.78
N THR G 33 -8.37 43.46 6.74
CA THR G 33 -7.27 44.17 7.36
C THR G 33 -7.33 44.14 8.90
N SER G 34 -8.47 43.72 9.45
CA SER G 34 -8.65 43.64 10.90
C SER G 34 -8.09 42.33 11.44
N LEU G 35 -7.74 41.43 10.53
CA LEU G 35 -7.21 40.11 10.87
C LEU G 35 -5.76 39.95 10.45
N ALA G 36 -5.34 40.71 9.44
CA ALA G 36 -3.97 40.58 8.94
C ALA G 36 -3.17 41.84 9.15
N GLY G 37 -3.80 42.88 9.66
CA GLY G 37 -3.09 44.12 9.92
C GLY G 37 -3.28 45.10 8.78
N THR G 38 -2.71 46.30 8.95
CA THR G 38 -2.78 47.30 7.91
C THR G 38 -1.39 47.75 7.51
N ILE G 39 -1.19 47.95 6.22
CA ILE G 39 0.10 48.36 5.71
C ILE G 39 0.21 49.86 5.88
N ILE G 40 1.33 50.30 6.44
CA ILE G 40 1.46 51.70 6.80
C ILE G 40 2.60 52.40 6.07
N GLU G 41 3.43 51.64 5.36
CA GLU G 41 4.34 52.24 4.39
C GLU G 41 4.85 51.22 3.40
N ILE G 42 5.08 51.69 2.18
CA ILE G 42 5.55 50.85 1.10
C ILE G 42 6.56 51.61 0.25
N ASP G 43 7.42 50.84 -0.42
CA ASP G 43 8.45 51.39 -1.27
C ASP G 43 8.95 50.19 -2.07
N LYS G 44 9.84 50.43 -3.04
CA LYS G 44 10.39 49.32 -3.80
C LYS G 44 11.05 48.32 -2.85
N ASN G 45 10.59 47.07 -2.92
CA ASN G 45 11.18 45.98 -2.15
C ASN G 45 11.02 46.15 -0.64
N TYR G 46 10.07 46.99 -0.23
CA TYR G 46 9.96 47.45 1.16
C TYR G 46 8.50 47.62 1.59
N ALA G 47 8.16 47.15 2.78
CA ALA G 47 6.85 47.42 3.35
C ALA G 47 6.85 47.33 4.88
N LYS G 48 5.97 48.12 5.49
CA LYS G 48 5.85 48.19 6.94
C LYS G 48 4.38 48.06 7.31
N SER G 49 4.07 47.26 8.31
CA SER G 49 2.67 47.07 8.74
C SER G 49 2.50 47.05 10.26
N ILE G 50 1.25 47.14 10.69
CA ILE G 50 0.89 47.07 12.09
C ILE G 50 -0.23 46.06 12.25
N LEU G 51 -0.11 45.18 13.24
CA LEU G 51 -1.23 44.32 13.63
C LEU G 51 -1.65 44.66 15.04
N ILE G 52 -2.85 45.19 15.19
CA ILE G 52 -3.42 45.38 16.51
C ILE G 52 -4.22 44.14 16.87
N THR G 53 -3.78 43.47 17.94
CA THR G 53 -4.38 42.21 18.35
C THR G 53 -5.81 42.43 18.85
N THR G 54 -6.71 41.53 18.46
CA THR G 54 -8.11 41.65 18.88
C THR G 54 -8.63 40.36 19.49
N SER G 55 -9.76 40.47 20.17
CA SER G 55 -10.35 39.34 20.86
C SER G 55 -10.78 38.26 19.87
N GLU G 56 -10.79 38.57 18.57
CA GLU G 56 -11.13 37.51 17.62
C GLU G 56 -9.96 36.63 17.21
N VAL G 58 -7.85 35.33 19.73
CA VAL G 58 -7.37 34.62 20.91
C VAL G 58 -7.48 33.10 20.78
N ALA G 59 -6.55 32.41 21.42
CA ALA G 59 -6.52 30.97 21.47
C ALA G 59 -7.22 30.48 22.72
N ASP G 60 -7.19 31.31 23.75
CA ASP G 60 -7.75 30.95 25.06
C ASP G 60 -8.35 32.15 25.78
N ASP G 61 -8.86 31.92 26.98
CA ASP G 61 -9.46 33.02 27.76
C ASP G 61 -8.43 33.74 28.62
N GLN G 62 -7.15 33.56 28.29
CA GLN G 62 -6.06 34.19 29.00
C GLN G 62 -5.44 35.31 28.17
N GLY G 63 -5.95 35.50 26.96
CA GLY G 63 -5.45 36.57 26.10
C GLY G 63 -4.32 36.15 25.20
N LEU G 64 -4.05 34.85 25.13
CA LEU G 64 -3.02 34.32 24.26
C LEU G 64 -3.49 34.40 22.81
N ILE G 65 -2.66 34.96 21.93
CA ILE G 65 -3.02 35.17 20.54
C ILE G 65 -2.53 34.00 19.71
N PHE G 66 -3.43 33.40 18.94
CA PHE G 66 -3.07 32.30 18.06
C PHE G 66 -1.95 32.74 17.13
N ASP G 67 -0.89 31.94 17.08
CA ASP G 67 0.31 32.28 16.33
C ASP G 67 0.08 32.58 14.86
N ALA G 68 -0.91 31.93 14.27
CA ALA G 68 -1.14 32.05 12.83
C ALA G 68 -1.53 33.47 12.42
N PHE G 69 -2.08 34.24 13.36
CA PHE G 69 -2.40 35.62 13.07
C PHE G 69 -1.16 36.48 12.94
N ILE G 70 -0.08 36.11 13.60
CA ILE G 70 1.14 36.86 13.33
C ILE G 70 1.70 36.41 11.98
N PHE G 71 1.56 35.14 11.66
CA PHE G 71 1.88 34.69 10.31
C PHE G 71 1.08 35.45 9.26
N ALA G 72 -0.23 35.59 9.48
CA ALA G 72 -1.09 36.31 8.58
C ALA G 72 -0.51 37.70 8.32
N ALA G 73 -0.14 38.40 9.38
CA ALA G 73 0.40 39.73 9.25
C ALA G 73 1.69 39.67 8.43
N ALA G 74 2.54 38.68 8.71
CA ALA G 74 3.80 38.50 7.99
C ALA G 74 3.52 38.25 6.53
N ASN G 75 2.51 37.42 6.28
CA ASN G 75 2.06 37.06 4.95
C ASN G 75 1.72 38.33 4.17
N TYR G 76 0.91 39.17 4.80
CA TYR G 76 0.41 40.39 4.18
C TYR G 76 1.50 41.35 3.79
N VAL G 77 2.32 41.70 4.78
CA VAL G 77 3.38 42.68 4.59
C VAL G 77 4.44 42.19 3.62
N ALA G 78 4.70 40.88 3.61
CA ALA G 78 5.62 40.31 2.66
C ALA G 78 5.13 40.53 1.23
N GLN G 79 3.85 40.27 0.99
CA GLN G 79 3.28 40.53 -0.33
C GLN G 79 3.25 42.01 -0.66
N ALA G 80 3.05 42.84 0.35
CA ALA G 80 3.06 44.29 0.19
C ALA G 80 4.42 44.78 -0.29
N SER G 81 5.49 44.09 0.13
CA SER G 81 6.85 44.52 -0.21
C SER G 81 7.20 44.34 -1.69
N ILE G 82 6.49 43.43 -2.35
CA ILE G 82 6.65 43.24 -3.79
C ILE G 82 5.54 43.96 -4.57
N ASN G 83 4.35 44.03 -3.98
CA ASN G 83 3.23 44.83 -4.52
C ASN G 83 2.85 44.53 -5.97
N LYS G 84 2.69 43.26 -6.29
CA LYS G 84 2.23 42.87 -7.62
C LYS G 84 0.75 42.54 -7.54
N GLU G 85 0.03 42.80 -8.61
CA GLU G 85 -1.40 42.62 -8.60
C GLU G 85 -1.75 41.14 -8.45
N PHE G 86 -0.97 40.28 -9.08
CA PHE G 86 -1.23 38.84 -9.08
C PHE G 86 -0.07 38.10 -8.42
N SER G 87 -0.18 37.86 -7.13
CA SER G 87 0.88 37.17 -6.41
C SER G 87 0.30 36.19 -5.40
N VAL G 88 1.15 35.25 -5.01
CA VAL G 88 0.80 34.19 -4.09
C VAL G 88 2.07 33.85 -3.32
N ILE G 89 1.96 33.30 -2.12
CA ILE G 89 3.17 32.80 -1.45
C ILE G 89 3.25 31.28 -1.61
N ILE G 90 4.45 30.75 -1.78
CA ILE G 90 4.60 29.32 -2.07
C ILE G 90 5.43 28.57 -1.04
N GLY G 91 5.97 29.29 -0.08
CA GLY G 91 6.80 28.69 0.97
C GLY G 91 7.15 29.69 2.06
N SER G 92 7.35 29.19 3.28
CA SER G 92 7.79 30.04 4.37
C SER G 92 8.63 29.27 5.36
N LYS G 93 9.45 30.01 6.09
CA LYS G 93 10.28 29.50 7.17
C LYS G 93 10.24 30.56 8.27
N CYS G 94 9.51 30.28 9.34
CA CYS G 94 9.34 31.28 10.39
C CYS G 94 9.79 30.82 11.76
N PHE G 95 10.14 31.80 12.59
CA PHE G 95 10.45 31.58 13.99
C PHE G 95 9.58 32.50 14.82
N PHE G 96 8.88 31.93 15.79
CA PHE G 96 8.05 32.71 16.68
C PHE G 96 8.68 32.68 18.06
N TYR G 97 9.37 33.76 18.40
CA TYR G 97 10.21 33.77 19.55
C TYR G 97 9.41 33.88 20.84
N ALA G 98 8.25 34.53 20.75
CA ALA G 98 7.38 34.71 21.91
C ALA G 98 5.97 34.95 21.42
N PRO G 99 4.98 34.41 22.14
CA PRO G 99 3.60 34.62 21.71
C PRO G 99 3.13 36.02 22.06
N LEU G 100 2.23 36.56 21.25
CA LEU G 100 1.63 37.84 21.58
C LEU G 100 0.51 37.71 22.61
N LYS G 101 0.26 38.80 23.33
CA LYS G 101 -0.83 38.85 24.29
C LYS G 101 -1.83 39.89 23.82
N LEU G 102 -3.10 39.61 24.06
CA LEU G 102 -4.17 40.52 23.66
C LEU G 102 -3.89 41.91 24.19
N GLY G 103 -3.94 42.90 23.32
CA GLY G 103 -3.62 44.27 23.69
C GLY G 103 -2.29 44.71 23.11
N ASP G 104 -1.45 43.75 22.75
CA ASP G 104 -0.18 44.07 22.11
C ASP G 104 -0.42 44.55 20.70
N VAL G 105 0.43 45.46 20.24
CA VAL G 105 0.45 45.81 18.84
C VAL G 105 1.77 45.32 18.21
N LEU G 106 1.67 44.56 17.14
CA LEU G 106 2.85 44.04 16.46
C LEU G 106 3.26 44.96 15.32
N GLU G 107 4.53 45.32 15.28
CA GLU G 107 5.07 46.12 14.18
C GLU G 107 5.93 45.24 13.27
N LEU G 108 5.57 45.19 12.00
CA LEU G 108 6.28 44.34 11.06
C LEU G 108 6.99 45.12 9.98
N GLU G 109 8.20 44.69 9.64
CA GLU G 109 8.94 45.25 8.52
C GLU G 109 9.35 44.15 7.56
N ALA G 110 9.24 44.42 6.27
CA ALA G 110 9.53 43.42 5.25
C ALA G 110 10.51 43.95 4.21
N HIS G 111 11.56 43.18 3.95
CA HIS G 111 12.54 43.54 2.94
C HIS G 111 12.67 42.42 1.92
N ALA G 112 12.45 42.73 0.66
CA ALA G 112 12.57 41.72 -0.38
C ALA G 112 13.99 41.72 -0.94
N LEU G 113 14.60 40.54 -0.99
CA LEU G 113 15.93 40.41 -1.58
C LEU G 113 15.78 40.80 -3.05
N PHE G 114 16.39 41.89 -3.50
CA PHE G 114 16.05 42.35 -4.86
C PHE G 114 16.89 41.71 -5.96
N ASP G 115 16.20 40.92 -6.79
CA ASP G 115 16.79 39.78 -7.48
C ASP G 115 16.63 39.73 -9.01
N GLU G 116 17.68 39.23 -9.67
CA GLU G 116 17.69 39.01 -11.12
C GLU G 116 17.21 37.59 -11.45
N THR G 117 16.79 36.85 -10.43
CA THR G 117 16.32 35.49 -10.64
C THR G 117 15.00 35.44 -11.42
N SER G 118 13.92 35.96 -10.85
CA SER G 118 12.58 35.75 -11.41
C SER G 118 11.42 36.34 -10.60
N LYS G 119 10.23 36.08 -11.14
CA LYS G 119 8.98 36.34 -10.48
C LYS G 119 8.93 35.71 -9.10
N LYS G 120 9.92 34.87 -8.79
CA LYS G 120 10.05 34.29 -7.45
C LYS G 120 10.95 35.17 -6.59
N ARG G 121 10.44 35.62 -5.45
CA ARG G 121 11.15 36.55 -4.59
C ARG G 121 11.18 36.03 -3.15
N ASP G 122 12.31 36.20 -2.46
CA ASP G 122 12.35 35.89 -1.02
C ASP G 122 12.28 37.17 -0.21
N VAL G 123 11.43 37.16 0.81
CA VAL G 123 11.16 38.34 1.61
C VAL G 123 11.50 38.08 3.06
N LYS G 124 12.37 38.91 3.64
CA LYS G 124 12.64 38.83 5.07
C LYS G 124 11.67 39.69 5.87
N VAL G 125 10.90 39.06 6.75
CA VAL G 125 10.01 39.78 7.63
C VAL G 125 10.43 39.68 9.10
N VAL G 126 10.32 40.78 9.83
CA VAL G 126 10.64 40.80 11.25
C VAL G 126 9.55 41.56 12.00
N GLY G 127 9.14 41.03 13.15
CA GLY G 127 8.08 41.63 13.94
C GLY G 127 8.52 42.02 15.33
N HIS G 128 8.11 43.21 15.77
CA HIS G 128 8.43 43.69 17.11
C HIS G 128 7.16 44.02 17.89
N VAL G 129 7.21 43.79 19.18
CA VAL G 129 6.24 44.37 20.10
C VAL G 129 7.04 45.33 20.97
N LYS G 130 6.79 46.63 20.81
CA LYS G 130 7.65 47.64 21.41
C LYS G 130 9.08 47.39 20.91
N GLU G 131 10.03 47.24 21.83
CA GLU G 131 11.41 47.04 21.42
C GLU G 131 11.83 45.56 21.31
N ILE G 132 10.89 44.65 21.50
CA ILE G 132 11.23 43.23 21.55
C ILE G 132 10.91 42.49 20.24
N LYS G 133 11.93 41.87 19.65
CA LYS G 133 11.76 41.05 18.46
C LYS G 133 11.02 39.79 18.82
N PHE G 135 9.16 37.93 16.25
CA PHE G 135 8.92 37.12 15.06
C PHE G 135 9.98 37.39 14.00
N GLU G 136 10.45 36.33 13.35
CA GLU G 136 11.37 36.47 12.24
C GLU G 136 11.03 35.40 11.22
N GLY G 137 11.02 35.76 9.94
CA GLY G 137 10.63 34.82 8.90
C GLY G 137 11.05 35.17 7.48
N THR G 138 11.16 34.14 6.65
CA THR G 138 11.43 34.29 5.23
C THR G 138 10.22 33.77 4.50
N ILE G 139 9.65 34.58 3.61
CA ILE G 139 8.47 34.16 2.87
C ILE G 139 8.73 34.26 1.36
N GLN G 140 8.37 33.21 0.64
CA GLN G 140 8.64 33.15 -0.79
C GLN G 140 7.40 33.60 -1.55
N VAL G 141 7.50 34.72 -2.26
CA VAL G 141 6.40 35.25 -3.03
C VAL G 141 6.63 34.96 -4.51
N VAL G 142 5.60 34.52 -5.21
CA VAL G 142 5.67 34.41 -6.66
C VAL G 142 4.55 35.24 -7.29
N SER G 143 4.89 36.02 -8.31
CA SER G 143 3.86 36.75 -9.06
C SER G 143 3.75 36.19 -10.46
N THR G 144 2.63 36.48 -11.13
CA THR G 144 2.47 36.09 -12.52
C THR G 144 1.97 37.23 -13.37
N ASP G 145 1.86 36.97 -14.68
CA ASP G 145 1.36 37.95 -15.63
C ASP G 145 -0.17 38.01 -15.56
N GLU G 146 -0.77 36.88 -15.22
CA GLU G 146 -2.20 36.82 -14.99
C GLU G 146 -2.47 35.90 -13.82
N HIS G 147 -3.53 36.24 -13.08
CA HIS G 147 -4.07 35.42 -12.00
C HIS G 147 -3.74 33.94 -12.12
N ILE G 148 -3.48 33.26 -11.00
CA ILE G 148 -3.18 31.82 -11.04
C ILE G 148 -4.33 31.01 -11.61
N PHE G 149 -5.53 31.56 -11.59
CA PHE G 149 -6.70 30.78 -12.01
C PHE G 149 -7.02 30.83 -13.51
N LYS G 150 -6.64 31.91 -14.19
CA LYS G 150 -6.87 31.99 -15.64
C LYS G 150 -5.63 31.56 -16.42
N ARG H 20 -15.89 12.27 20.48
CA ARG H 20 -15.63 13.21 21.62
C ARG H 20 -14.30 13.97 21.49
N VAL H 21 -14.30 15.01 20.65
CA VAL H 21 -13.12 15.85 20.43
C VAL H 21 -13.09 17.02 21.41
N ARG H 22 -14.15 17.83 21.40
CA ARG H 22 -14.31 18.90 22.39
C ARG H 22 -14.35 18.32 23.82
N ALA H 23 -14.40 17.00 23.92
CA ALA H 23 -14.28 16.37 25.22
C ALA H 23 -12.80 16.29 25.58
N GLU H 24 -11.96 15.90 24.62
CA GLU H 24 -10.54 15.73 24.89
C GLU H 24 -9.64 16.88 24.40
N LEU H 25 -10.23 17.88 23.73
CA LEU H 25 -9.41 18.99 23.20
C LEU H 25 -9.01 19.97 24.29
N LEU H 26 -7.71 20.02 24.56
CA LEU H 26 -7.15 20.92 25.56
C LEU H 26 -6.53 22.17 24.90
N THR H 27 -6.24 22.10 23.61
CA THR H 27 -5.55 23.23 22.96
C THR H 27 -6.45 24.31 22.45
N CYS H 28 -5.94 25.54 22.51
CA CYS H 28 -6.57 26.66 21.85
C CYS H 28 -8.09 26.66 22.12
N PRO H 29 -8.47 26.55 23.40
CA PRO H 29 -9.90 26.43 23.69
C PRO H 29 -10.75 27.56 23.11
N GLU H 30 -10.17 28.72 22.86
CA GLU H 30 -10.96 29.88 22.50
C GLU H 30 -10.74 30.30 21.05
N LEU H 31 -9.97 29.52 20.31
CA LEU H 31 -9.68 29.80 18.91
C LEU H 31 -10.95 29.94 18.09
N ASN H 32 -11.00 30.96 17.23
CA ASN H 32 -12.07 31.10 16.26
C ASN H 32 -12.07 29.98 15.20
N THR H 33 -12.88 28.94 15.37
CA THR H 33 -12.80 27.79 14.46
C THR H 33 -13.41 28.07 13.08
N SER H 34 -13.99 29.24 12.91
CA SER H 34 -14.46 29.69 11.60
C SER H 34 -13.30 30.15 10.71
N LEU H 35 -12.14 30.39 11.31
CA LEU H 35 -11.01 30.95 10.60
C LEU H 35 -9.85 29.97 10.59
N ALA H 36 -9.87 29.01 11.50
CA ALA H 36 -8.74 28.09 11.58
C ALA H 36 -9.18 26.67 11.36
N GLY H 37 -10.48 26.46 11.19
CA GLY H 37 -11.00 25.13 10.91
C GLY H 37 -11.52 24.45 12.15
N THR H 38 -11.94 23.20 11.98
CA THR H 38 -12.51 22.45 13.07
C THR H 38 -11.80 21.11 13.16
N ILE H 39 -11.44 20.71 14.37
CA ILE H 39 -10.83 19.40 14.54
C ILE H 39 -11.93 18.31 14.51
N ILE H 40 -11.64 17.23 13.82
CA ILE H 40 -12.61 16.26 13.35
C ILE H 40 -12.24 14.89 13.93
N GLU H 41 -11.00 14.76 14.33
CA GLU H 41 -10.52 13.49 14.84
C GLU H 41 -9.21 13.72 15.58
N ILE H 42 -9.02 13.01 16.68
CA ILE H 42 -7.84 13.20 17.49
C ILE H 42 -7.45 11.87 18.13
N ASP H 43 -6.16 11.71 18.40
CA ASP H 43 -5.62 10.49 18.98
C ASP H 43 -4.22 10.84 19.42
N LYS H 44 -3.55 9.90 20.10
CA LYS H 44 -2.18 10.08 20.50
C LYS H 44 -1.34 10.44 19.28
N ASN H 45 -0.68 11.60 19.33
CA ASN H 45 0.23 11.97 18.24
C ASN H 45 -0.46 12.17 16.88
N TYR H 46 -1.78 12.35 16.88
CA TYR H 46 -2.55 12.42 15.64
C TYR H 46 -3.74 13.35 15.73
N ALA H 47 -4.05 14.03 14.64
CA ALA H 47 -5.24 14.84 14.55
C ALA H 47 -5.64 15.10 13.09
N LYS H 48 -6.94 15.29 12.87
CA LYS H 48 -7.47 15.54 11.53
C LYS H 48 -8.38 16.75 11.62
N SER H 49 -8.35 17.64 10.63
CA SER H 49 -9.22 18.80 10.66
C SER H 49 -9.75 19.15 9.26
N ILE H 50 -10.77 20.01 9.22
CA ILE H 50 -11.24 20.53 7.93
C ILE H 50 -11.36 22.02 8.00
N LEU H 51 -10.97 22.66 6.89
CA LEU H 51 -11.15 24.09 6.76
C LEU H 51 -12.09 24.38 5.63
N ILE H 52 -13.25 24.95 5.96
CA ILE H 52 -14.18 25.42 4.97
C ILE H 52 -13.85 26.87 4.63
N THR H 53 -13.41 27.12 3.41
CA THR H 53 -13.03 28.47 3.03
C THR H 53 -14.25 29.39 3.06
N THR H 54 -14.07 30.59 3.57
CA THR H 54 -15.14 31.59 3.57
C THR H 54 -14.71 32.93 2.98
N SER H 55 -15.70 33.78 2.72
CA SER H 55 -15.44 35.07 2.11
C SER H 55 -14.60 35.96 3.02
N GLU H 56 -14.44 35.56 4.27
CA GLU H 56 -13.63 36.31 5.22
C GLU H 56 -12.13 36.10 5.01
N VAL H 58 -10.63 35.80 1.85
CA VAL H 58 -10.21 36.13 0.49
C VAL H 58 -9.12 37.19 0.45
N ALA H 59 -8.24 37.07 -0.55
CA ALA H 59 -7.21 38.05 -0.79
C ALA H 59 -7.69 39.06 -1.84
N ASP H 60 -8.59 38.62 -2.70
CA ASP H 60 -9.07 39.44 -3.79
C ASP H 60 -10.52 39.13 -4.17
N ASP H 61 -11.03 39.83 -5.19
CA ASP H 61 -12.41 39.64 -5.62
C ASP H 61 -12.56 38.47 -6.60
N GLN H 62 -11.53 37.63 -6.66
CA GLN H 62 -11.48 36.51 -7.58
C GLN H 62 -11.66 35.18 -6.86
N GLY H 63 -11.76 35.25 -5.53
CA GLY H 63 -11.95 34.05 -4.74
C GLY H 63 -10.65 33.44 -4.26
N LEU H 64 -9.54 34.14 -4.50
CA LEU H 64 -8.26 33.66 -4.03
C LEU H 64 -8.22 33.74 -2.51
N ILE H 65 -7.86 32.62 -1.87
CA ILE H 65 -7.77 32.56 -0.42
C ILE H 65 -6.37 32.92 0.05
N PHE H 66 -6.28 33.87 0.98
CA PHE H 66 -5.00 34.27 1.55
C PHE H 66 -4.32 33.04 2.14
N ASP H 67 -3.06 32.82 1.77
CA ASP H 67 -2.39 31.58 2.16
C ASP H 67 -2.22 31.35 3.69
N ALA H 68 -2.22 32.44 4.46
CA ALA H 68 -2.04 32.32 5.90
C ALA H 68 -3.17 31.54 6.55
N PHE H 69 -4.35 31.55 5.95
CA PHE H 69 -5.44 30.80 6.55
C PHE H 69 -5.21 29.31 6.42
N ILE H 70 -4.48 28.91 5.39
CA ILE H 70 -4.18 27.50 5.32
C ILE H 70 -3.10 27.20 6.38
N PHE H 71 -2.14 28.11 6.55
CA PHE H 71 -1.23 27.98 7.67
C PHE H 71 -1.98 27.92 9.00
N ALA H 72 -2.92 28.84 9.20
CA ALA H 72 -3.72 28.83 10.43
C ALA H 72 -4.26 27.42 10.68
N ALA H 73 -4.87 26.84 9.66
CA ALA H 73 -5.46 25.53 9.83
C ALA H 73 -4.37 24.51 10.22
N ALA H 74 -3.23 24.56 9.55
CA ALA H 74 -2.15 23.65 9.89
C ALA H 74 -1.61 23.93 11.30
N ASN H 75 -1.56 25.20 11.66
CA ASN H 75 -1.19 25.57 13.01
C ASN H 75 -2.08 24.84 14.02
N TYR H 76 -3.38 24.95 13.80
CA TYR H 76 -4.38 24.43 14.75
C TYR H 76 -4.31 22.93 14.85
N VAL H 77 -4.28 22.25 13.70
CA VAL H 77 -4.29 20.79 13.69
C VAL H 77 -3.00 20.21 14.23
N ALA H 78 -1.90 20.92 14.04
CA ALA H 78 -0.62 20.45 14.57
C ALA H 78 -0.69 20.48 16.10
N GLN H 79 -1.22 21.55 16.64
CA GLN H 79 -1.34 21.65 18.08
C GLN H 79 -2.32 20.63 18.64
N ALA H 80 -3.34 20.31 17.86
CA ALA H 80 -4.31 19.33 18.27
C ALA H 80 -3.67 17.93 18.33
N SER H 81 -2.67 17.68 17.49
CA SER H 81 -2.03 16.37 17.48
C SER H 81 -1.24 16.11 18.73
N ILE H 82 -0.83 17.17 19.43
CA ILE H 82 -0.15 16.94 20.69
C ILE H 82 -1.06 17.17 21.88
N ASN H 83 -2.02 18.08 21.74
CA ASN H 83 -3.12 18.22 22.69
C ASN H 83 -2.72 18.51 24.14
N LYS H 84 -1.80 19.45 24.33
CA LYS H 84 -1.41 19.89 25.68
C LYS H 84 -2.15 21.19 26.02
N GLU H 85 -2.45 21.39 27.28
CA GLU H 85 -3.19 22.57 27.71
C GLU H 85 -2.42 23.85 27.44
N PHE H 86 -1.12 23.80 27.68
CA PHE H 86 -0.27 24.98 27.47
C PHE H 86 0.80 24.70 26.44
N SER H 87 0.58 25.17 25.22
CA SER H 87 1.54 24.97 24.16
C SER H 87 1.54 26.15 23.23
N VAL H 88 2.64 26.29 22.50
CA VAL H 88 2.72 27.27 21.44
C VAL H 88 3.58 26.68 20.34
N ILE H 89 3.59 27.33 19.18
CA ILE H 89 4.46 26.93 18.10
C ILE H 89 5.68 27.83 18.08
N ILE H 90 6.86 27.28 17.82
CA ILE H 90 8.06 28.10 17.85
C ILE H 90 8.79 28.15 16.52
N GLY H 91 8.32 27.37 15.56
CA GLY H 91 8.92 27.35 14.23
C GLY H 91 8.13 26.54 13.22
N SER H 92 8.26 26.87 11.94
CA SER H 92 7.65 26.09 10.89
C SER H 92 8.37 26.17 9.56
N LYS H 93 8.19 25.12 8.76
CA LYS H 93 8.70 25.05 7.39
C LYS H 93 7.55 24.51 6.52
N CYS H 94 6.97 25.38 5.69
CA CYS H 94 5.80 25.00 4.91
C CYS H 94 6.01 25.13 3.41
N PHE H 95 5.33 24.26 2.67
CA PHE H 95 5.20 24.36 1.23
C PHE H 95 3.71 24.55 0.86
N PHE H 96 3.41 25.58 0.09
CA PHE H 96 2.07 25.76 -0.42
C PHE H 96 2.10 25.45 -1.90
N TYR H 97 1.66 24.26 -2.28
CA TYR H 97 1.79 23.85 -3.68
C TYR H 97 0.79 24.51 -4.64
N ALA H 98 -0.36 24.88 -4.12
CA ALA H 98 -1.39 25.52 -4.92
C ALA H 98 -2.28 26.30 -4.00
N PRO H 99 -2.71 27.49 -4.43
CA PRO H 99 -3.58 28.30 -3.58
C PRO H 99 -4.98 27.73 -3.54
N LEU H 100 -5.68 27.92 -2.45
CA LEU H 100 -7.08 27.57 -2.34
C LEU H 100 -7.95 28.59 -3.09
N LYS H 101 -9.12 28.15 -3.53
CA LYS H 101 -10.13 29.03 -4.06
C LYS H 101 -11.39 28.95 -3.19
N LEU H 102 -12.10 30.07 -3.08
CA LEU H 102 -13.28 30.15 -2.24
C LEU H 102 -14.27 29.09 -2.67
N GLY H 103 -14.74 28.31 -1.72
CA GLY H 103 -15.64 27.21 -2.00
C GLY H 103 -14.96 25.88 -1.82
N ASP H 104 -13.63 25.88 -1.82
CA ASP H 104 -12.83 24.69 -1.53
C ASP H 104 -12.94 24.37 -0.07
N VAL H 105 -12.95 23.08 0.26
CA VAL H 105 -12.70 22.66 1.64
C VAL H 105 -11.37 21.92 1.77
N LEU H 106 -10.54 22.39 2.68
CA LEU H 106 -9.25 21.78 2.90
C LEU H 106 -9.34 20.70 3.97
N GLU H 107 -8.78 19.53 3.68
CA GLU H 107 -8.69 18.47 4.68
C GLU H 107 -7.23 18.35 5.16
N LEU H 108 -6.99 18.55 6.47
CA LEU H 108 -5.62 18.43 7.03
C LEU H 108 -5.42 17.23 7.94
N GLU H 109 -4.28 16.59 7.81
CA GLU H 109 -3.90 15.53 8.77
C GLU H 109 -2.58 15.90 9.37
N ALA H 110 -2.42 15.64 10.67
CA ALA H 110 -1.17 15.92 11.38
C ALA H 110 -0.64 14.69 12.13
N HIS H 111 0.65 14.42 11.97
CA HIS H 111 1.29 13.33 12.69
C HIS H 111 2.48 13.88 13.44
N ALA H 112 2.49 13.66 14.75
CA ALA H 112 3.59 14.11 15.58
C ALA H 112 4.65 13.03 15.61
N LEU H 113 5.91 13.42 15.42
CA LEU H 113 6.96 12.45 15.43
C LEU H 113 7.23 12.00 16.85
N PHE H 114 7.36 10.69 16.99
CA PHE H 114 7.41 9.99 18.28
C PHE H 114 8.45 10.57 19.22
N ASP H 115 8.03 10.84 20.46
CA ASP H 115 8.89 11.49 21.44
C ASP H 115 8.09 11.65 22.74
N GLU H 116 8.59 11.06 23.81
CA GLU H 116 7.90 11.14 25.10
C GLU H 116 8.74 11.87 26.14
N THR H 117 10.05 11.93 25.90
CA THR H 117 10.96 12.60 26.83
C THR H 117 11.07 14.12 26.58
N SER H 118 10.32 14.66 25.63
CA SER H 118 10.55 16.06 25.29
C SER H 118 9.32 16.93 25.06
N LYS H 119 9.43 18.15 25.58
CA LYS H 119 8.39 19.16 25.47
C LYS H 119 8.34 19.72 24.05
N LYS H 120 9.46 19.61 23.33
CA LYS H 120 9.52 20.08 21.94
C LYS H 120 9.19 18.92 21.00
N ARG H 121 8.25 19.16 20.08
CA ARG H 121 7.74 18.12 19.20
C ARG H 121 7.69 18.62 17.77
N ASP H 122 8.04 17.76 16.83
CA ASP H 122 7.90 18.09 15.42
C ASP H 122 6.63 17.44 14.85
N VAL H 123 5.81 18.23 14.17
CA VAL H 123 4.58 17.71 13.63
C VAL H 123 4.54 17.82 12.10
N LYS H 124 4.22 16.72 11.43
CA LYS H 124 4.06 16.73 9.98
C LYS H 124 2.60 17.01 9.62
N VAL H 125 2.34 18.11 8.92
CA VAL H 125 0.98 18.39 8.45
C VAL H 125 0.87 18.31 6.94
N VAL H 126 -0.21 17.72 6.44
CA VAL H 126 -0.47 17.67 5.02
C VAL H 126 -1.92 18.10 4.77
N GLY H 127 -2.14 18.87 3.71
CA GLY H 127 -3.49 19.30 3.40
C GLY H 127 -3.90 18.91 2.00
N HIS H 128 -5.16 18.50 1.85
CA HIS H 128 -5.71 18.10 0.54
C HIS H 128 -6.99 18.85 0.25
N VAL H 129 -7.21 19.10 -1.02
CA VAL H 129 -8.50 19.53 -1.48
C VAL H 129 -8.93 18.42 -2.41
N LYS H 130 -9.95 17.68 -1.97
CA LYS H 130 -10.36 16.45 -2.61
C LYS H 130 -9.12 15.56 -2.69
N GLU H 131 -8.73 15.13 -3.88
CA GLU H 131 -7.57 14.25 -3.98
C GLU H 131 -6.23 14.94 -4.21
N ILE H 132 -6.21 16.27 -4.19
CA ILE H 132 -5.00 17.01 -4.54
C ILE H 132 -4.23 17.52 -3.34
N LYS H 133 -2.97 17.10 -3.20
CA LYS H 133 -2.11 17.59 -2.12
C LYS H 133 -1.75 19.06 -2.38
N PHE H 135 -0.78 21.33 0.31
CA PHE H 135 0.00 21.91 1.37
C PHE H 135 0.75 20.82 2.12
N GLU H 136 2.00 21.11 2.45
CA GLU H 136 2.79 20.20 3.25
C GLU H 136 3.65 21.06 4.17
N GLY H 137 3.82 20.61 5.42
CA GLY H 137 4.61 21.40 6.36
C GLY H 137 4.99 20.70 7.65
N THR H 138 6.06 21.18 8.26
CA THR H 138 6.45 20.72 9.58
C THR H 138 6.32 21.87 10.56
N ILE H 139 5.58 21.64 11.64
CA ILE H 139 5.59 22.67 12.67
C ILE H 139 6.12 22.16 14.02
N GLN H 140 6.86 23.02 14.70
CA GLN H 140 7.42 22.67 15.99
C GLN H 140 6.57 23.24 17.10
N VAL H 141 5.95 22.35 17.88
CA VAL H 141 5.22 22.79 19.05
C VAL H 141 6.02 22.51 20.31
N VAL H 142 6.00 23.46 21.25
CA VAL H 142 6.48 23.17 22.60
C VAL H 142 5.43 23.43 23.66
N SER H 143 5.44 22.61 24.72
CA SER H 143 4.48 22.72 25.80
C SER H 143 5.16 22.91 27.15
N THR H 144 4.55 23.70 28.01
CA THR H 144 5.11 23.93 29.30
C THR H 144 4.21 23.27 30.33
N ASP H 145 4.68 23.20 31.57
CA ASP H 145 3.88 22.70 32.66
C ASP H 145 2.94 23.79 33.13
N GLU H 146 3.23 25.02 32.71
CA GLU H 146 2.36 26.16 32.97
C GLU H 146 2.32 27.09 31.77
N HIS H 147 1.28 27.92 31.72
CA HIS H 147 1.16 28.97 30.73
C HIS H 147 2.48 29.70 30.52
N ILE H 148 2.89 29.79 29.25
CA ILE H 148 4.12 30.49 28.87
C ILE H 148 4.40 31.76 29.72
N PHE H 149 3.38 32.26 30.41
CA PHE H 149 3.55 33.24 31.50
C PHE H 149 4.31 34.52 31.15
#